data_1XE5
#
_entry.id   1XE5
#
_cell.length_a   141.650
_cell.length_b   141.650
_cell.length_c   98.350
_cell.angle_alpha   90.00
_cell.angle_beta   90.00
_cell.angle_gamma   120.00
#
_symmetry.space_group_name_H-M   'P 31 2 1'
#
loop_
_entity.id
_entity.type
_entity.pdbx_description
1 polymer 'Plasmepsin 2'
2 non-polymer '5,5,5-TRIFLUORO-3-HYDROXY-4-[2-(5,5,5-TRIFLUORO-3-HYDROXY-4-{3-METHYL-2-[3-METHYL-2-(3-METHYL-BUTYRYLAMINO)-BUTYRYLAMINO]-BUTYRYLAMINO}-PENTANOYLAMINO)-PROPIONYLAMINO]-PENTANOIC ACID METHYL ESTER'
3 water water
#
_entity_poly.entity_id   1
_entity_poly.type   'polypeptide(L)'
_entity_poly.pdbx_seq_one_letter_code
;SSNDNIELVDFQNIMFYGDAEVGDNQQPFTFILDTGSANLWVPSVKCTTAGCLTKHLYDSSKSRTYEKDGTKVEMNYVSG
TVSGFFSKDLVTVGNLSLPYKFIEVIDTNGFEPTYTASTFDGILGLGWKDLSIGSVDPIVVELKNQNKIENALFTFYLPV
HDKHTGFLTIGGIEERFYEGPLTYEKLNHDLYWQITLDAHVGNIMLEKANCIVDSGTSAITVPTDFLNKMLQNLDVIKVP
FLPFYVTLCNNSKLPTFEFTSENGKYTLEPEYYLQHIEDVGPGLCMLNIIGLDFPVPTFILGDPFMRKYFTVFDYDNHSV
GIALAKKNL
;
_entity_poly.pdbx_strand_id   A,B
#
# COMPACT_ATOMS: atom_id res chain seq x y z
N SER A 1 13.18 28.30 -28.98
CA SER A 1 12.53 28.75 -27.71
C SER A 1 11.51 29.88 -27.97
N SER A 2 10.44 29.88 -27.17
CA SER A 2 9.27 30.76 -27.38
C SER A 2 8.22 30.49 -26.28
N ASN A 3 8.09 29.21 -25.95
CA ASN A 3 7.31 28.74 -24.81
C ASN A 3 8.20 28.73 -23.57
N ASP A 4 7.59 28.53 -22.40
CA ASP A 4 8.35 28.49 -21.18
C ASP A 4 8.56 27.08 -20.64
N ASN A 5 9.77 26.83 -20.17
CA ASN A 5 10.22 25.51 -19.81
C ASN A 5 10.44 25.40 -18.32
N ILE A 6 10.48 24.18 -17.83
CA ILE A 6 10.88 23.89 -16.47
C ILE A 6 11.74 22.66 -16.57
N GLU A 7 13.03 22.79 -16.24
CA GLU A 7 13.90 21.63 -16.28
C GLU A 7 13.42 20.59 -15.27
N LEU A 8 13.48 19.34 -15.69
CA LEU A 8 13.16 18.19 -14.87
C LEU A 8 14.45 17.48 -14.52
N VAL A 9 14.64 17.17 -13.24
CA VAL A 9 15.88 16.59 -12.79
C VAL A 9 15.59 15.19 -12.29
N ASP A 10 16.21 14.22 -12.93
CA ASP A 10 16.19 12.85 -12.47
C ASP A 10 16.69 12.81 -11.03
N PHE A 11 15.92 12.17 -10.17
CA PHE A 11 16.36 11.90 -8.80
C PHE A 11 16.74 10.43 -8.67
N GLN A 12 18.05 10.19 -8.79
CA GLN A 12 18.67 8.87 -8.60
C GLN A 12 17.84 7.70 -9.13
N ASN A 13 17.43 7.83 -10.39
CA ASN A 13 16.78 6.77 -11.17
C ASN A 13 15.26 6.67 -11.00
N ILE A 14 14.76 6.91 -9.78
CA ILE A 14 13.31 6.84 -9.52
C ILE A 14 12.58 8.03 -10.19
N MET A 15 12.38 9.11 -9.42
CA MET A 15 11.44 10.14 -9.79
C MET A 15 12.18 11.33 -10.36
N PHE A 16 11.43 12.23 -10.99
CA PHE A 16 11.95 13.49 -11.44
C PHE A 16 11.14 14.61 -10.80
N TYR A 17 11.80 15.74 -10.57
CA TYR A 17 11.18 16.90 -9.99
C TYR A 17 11.41 18.11 -10.86
N GLY A 18 10.64 19.17 -10.58
CA GLY A 18 10.86 20.44 -11.19
C GLY A 18 10.64 21.56 -10.19
N ASP A 19 11.27 22.68 -10.44
CA ASP A 19 11.21 23.79 -9.51
C ASP A 19 10.19 24.80 -9.98
N ALA A 20 9.43 25.33 -9.05
CA ALA A 20 8.62 26.53 -9.27
C ALA A 20 8.64 27.38 -8.00
N GLU A 21 8.02 28.55 -8.00
CA GLU A 21 8.09 29.40 -6.81
C GLU A 21 6.76 30.05 -6.43
N VAL A 22 6.72 30.52 -5.19
CA VAL A 22 5.50 31.03 -4.56
C VAL A 22 5.83 32.31 -3.80
N GLY A 23 5.08 33.39 -4.07
CA GLY A 23 5.32 34.69 -3.47
C GLY A 23 5.95 35.65 -4.47
N ASP A 24 5.68 36.95 -4.30
CA ASP A 24 6.32 37.94 -5.17
C ASP A 24 7.84 38.04 -4.92
N ASN A 25 8.30 37.62 -3.73
CA ASN A 25 9.73 37.42 -3.49
C ASN A 25 10.30 36.07 -4.01
N GLN A 26 9.53 35.40 -4.87
CA GLN A 26 9.86 34.05 -5.32
C GLN A 26 9.73 33.09 -4.14
N GLN A 27 10.82 32.48 -3.65
CA GLN A 27 10.72 31.40 -2.64
C GLN A 27 10.60 30.14 -3.49
N PRO A 28 11.75 29.52 -3.77
CA PRO A 28 11.79 28.35 -4.62
C PRO A 28 11.35 27.08 -3.90
N PHE A 29 10.72 26.17 -4.63
CA PHE A 29 10.37 24.84 -4.14
C PHE A 29 10.59 23.78 -5.19
N THR A 30 10.75 22.55 -4.75
CA THR A 30 10.91 21.39 -5.62
C THR A 30 9.61 20.61 -5.64
N PHE A 31 9.10 20.30 -6.82
CA PHE A 31 7.75 19.69 -6.93
C PHE A 31 7.78 18.38 -7.66
N ILE A 32 6.91 17.45 -7.27
CA ILE A 32 6.44 16.45 -8.20
C ILE A 32 5.44 17.18 -9.10
N LEU A 33 5.73 17.21 -10.39
CA LEU A 33 4.83 17.76 -11.39
C LEU A 33 3.92 16.64 -11.85
N ASP A 34 2.65 16.71 -11.47
CA ASP A 34 1.77 15.55 -11.37
C ASP A 34 0.45 15.69 -12.17
N THR A 35 0.41 15.14 -13.38
CA THR A 35 -0.81 15.16 -14.20
C THR A 35 -1.95 14.36 -13.56
N GLY A 36 -1.59 13.50 -12.59
CA GLY A 36 -2.57 12.70 -11.87
C GLY A 36 -3.32 13.37 -10.72
N SER A 37 -3.04 14.65 -10.43
CA SER A 37 -3.84 15.44 -9.48
C SER A 37 -3.99 16.88 -9.97
N ALA A 38 -4.71 17.71 -9.22
CA ALA A 38 -5.07 19.07 -9.67
C ALA A 38 -5.01 20.17 -8.57
N ASN A 39 -4.21 19.92 -7.54
CA ASN A 39 -3.94 20.93 -6.50
C ASN A 39 -2.44 21.19 -6.37
N LEU A 40 -2.10 22.42 -6.06
CA LEU A 40 -0.73 22.81 -5.74
C LEU A 40 -0.61 22.92 -4.22
N TRP A 41 0.36 22.24 -3.63
CA TRP A 41 0.70 22.49 -2.24
C TRP A 41 2.18 22.64 -2.01
N VAL A 42 2.46 23.18 -0.84
CA VAL A 42 3.77 23.69 -0.49
C VAL A 42 3.82 23.65 1.04
N PRO A 43 4.90 23.15 1.61
CA PRO A 43 4.98 23.10 3.08
C PRO A 43 5.11 24.51 3.65
N SER A 44 4.39 24.77 4.73
CA SER A 44 4.36 26.10 5.33
C SER A 44 5.44 26.23 6.39
N VAL A 45 5.78 27.46 6.69
CA VAL A 45 6.69 27.77 7.79
C VAL A 45 6.00 27.45 9.14
N LYS A 46 4.67 27.44 9.14
CA LYS A 46 3.87 26.99 10.29
C LYS A 46 3.76 25.46 10.43
N CYS A 47 4.46 24.70 9.59
CA CYS A 47 4.53 23.25 9.71
C CYS A 47 5.24 22.88 11.03
N THR A 48 4.66 21.93 11.76
CA THR A 48 5.15 21.55 13.09
C THR A 48 5.67 20.13 13.13
N THR A 49 5.65 19.48 11.97
CA THR A 49 5.70 18.04 11.89
C THR A 49 7.06 17.59 11.37
N ALA A 50 7.49 16.40 11.77
CA ALA A 50 8.85 15.91 11.48
C ALA A 50 9.28 15.98 10.01
N GLY A 51 8.38 15.64 9.10
CA GLY A 51 8.71 15.55 7.69
C GLY A 51 9.16 16.84 7.04
N CYS A 52 8.74 17.98 7.58
CA CYS A 52 9.11 19.29 7.06
C CYS A 52 10.54 19.76 7.34
N LEU A 53 11.28 19.01 8.15
CA LEU A 53 12.59 19.43 8.62
C LEU A 53 13.55 19.77 7.49
N THR A 54 13.60 18.93 6.46
CA THR A 54 14.55 19.04 5.36
C THR A 54 14.04 19.83 4.15
N LYS A 55 12.89 20.47 4.30
CA LYS A 55 12.16 21.01 3.17
C LYS A 55 12.30 22.53 3.08
N HIS A 56 12.20 23.08 1.86
CA HIS A 56 11.96 24.50 1.70
C HIS A 56 10.56 24.80 2.20
N LEU A 57 10.42 25.86 2.99
CA LEU A 57 9.15 26.23 3.62
C LEU A 57 8.65 27.58 3.13
N TYR A 58 7.34 27.77 3.12
CA TYR A 58 6.71 28.95 2.53
C TYR A 58 6.33 29.94 3.60
N ASP A 59 6.76 31.17 3.44
CA ASP A 59 6.53 32.20 4.45
C ASP A 59 5.65 33.28 3.87
N SER A 60 4.36 33.25 4.22
CA SER A 60 3.43 34.23 3.66
C SER A 60 3.79 35.67 4.02
N SER A 61 4.34 35.88 5.21
CA SER A 61 4.70 37.22 5.70
C SER A 61 5.74 37.97 4.86
N LYS A 62 6.59 37.24 4.14
CA LYS A 62 7.61 37.82 3.27
C LYS A 62 7.11 38.13 1.85
N SER A 63 5.78 38.11 1.68
CA SER A 63 5.16 38.20 0.37
C SER A 63 4.12 39.29 0.40
N ARG A 64 4.31 40.32 -0.40
CA ARG A 64 3.35 41.41 -0.47
C ARG A 64 2.07 40.99 -1.19
N THR A 65 2.16 40.01 -2.10
CA THR A 65 1.01 39.57 -2.88
C THR A 65 0.16 38.50 -2.19
N TYR A 66 0.61 38.03 -1.03
CA TYR A 66 -0.16 37.03 -0.28
C TYR A 66 -1.55 37.55 0.07
N GLU A 67 -2.55 36.68 -0.04
CA GLU A 67 -3.91 37.00 0.34
C GLU A 67 -4.45 35.87 1.19
N LYS A 68 -4.71 36.17 2.45
CA LYS A 68 -5.23 35.21 3.42
C LYS A 68 -6.52 34.56 2.94
N ASP A 69 -6.76 33.35 3.42
CA ASP A 69 -7.97 32.58 3.10
C ASP A 69 -8.26 31.71 4.33
N GLY A 70 -7.46 30.66 4.54
CA GLY A 70 -7.46 29.94 5.80
C GLY A 70 -8.42 28.77 5.92
N THR A 71 -9.20 28.52 4.87
CA THR A 71 -10.08 27.35 4.78
C THR A 71 -9.25 26.09 4.90
N LYS A 72 -9.65 25.20 5.81
CA LYS A 72 -8.93 23.95 6.04
C LYS A 72 -9.16 22.94 4.92
N VAL A 73 -8.11 22.19 4.60
CA VAL A 73 -8.13 21.19 3.54
C VAL A 73 -7.31 19.98 3.91
N GLU A 74 -7.74 18.84 3.40
CA GLU A 74 -7.01 17.62 3.50
C GLU A 74 -6.85 17.15 2.07
N MET A 75 -5.66 16.70 1.74
CA MET A 75 -5.31 16.34 0.39
C MET A 75 -4.98 14.84 0.44
N ASN A 76 -5.78 14.02 -0.22
CA ASN A 76 -5.56 12.56 -0.21
C ASN A 76 -4.88 12.07 -1.49
N TYR A 77 -3.90 11.21 -1.33
CA TYR A 77 -3.23 10.54 -2.44
C TYR A 77 -3.21 9.04 -2.16
N VAL A 78 -2.95 8.23 -3.19
CA VAL A 78 -2.80 6.79 -2.97
C VAL A 78 -1.71 6.54 -1.92
N SER A 79 -0.66 7.35 -1.97
CA SER A 79 0.52 7.20 -1.11
C SER A 79 0.49 7.96 0.22
N GLY A 80 -0.59 8.71 0.49
CA GLY A 80 -0.75 9.36 1.78
C GLY A 80 -1.55 10.65 1.78
N THR A 81 -1.56 11.29 2.94
CA THR A 81 -2.41 12.43 3.21
C THR A 81 -1.65 13.58 3.84
N VAL A 82 -2.11 14.78 3.54
CA VAL A 82 -1.40 16.00 3.83
C VAL A 82 -2.48 17.03 4.08
N SER A 83 -2.40 17.74 5.19
CA SER A 83 -3.43 18.70 5.54
C SER A 83 -2.84 20.08 5.85
N GLY A 84 -3.68 21.09 5.68
CA GLY A 84 -3.30 22.46 5.88
C GLY A 84 -4.47 23.38 5.64
N PHE A 85 -4.21 24.48 4.95
CA PHE A 85 -5.24 25.47 4.65
C PHE A 85 -4.92 26.18 3.35
N PHE A 86 -5.95 26.77 2.75
CA PHE A 86 -5.83 27.44 1.47
C PHE A 86 -5.23 28.80 1.65
N SER A 87 -4.44 29.22 0.67
CA SER A 87 -3.90 30.56 0.61
C SER A 87 -3.88 30.96 -0.85
N LYS A 88 -3.62 32.23 -1.11
CA LYS A 88 -3.46 32.71 -2.48
C LYS A 88 -2.20 33.57 -2.55
N ASP A 89 -1.49 33.49 -3.66
CA ASP A 89 -0.23 34.22 -3.82
C ASP A 89 0.28 34.03 -5.25
N LEU A 90 1.27 34.82 -5.63
CA LEU A 90 1.91 34.69 -6.94
C LEU A 90 2.58 33.33 -7.04
N VAL A 91 2.13 32.49 -7.96
CA VAL A 91 2.85 31.27 -8.33
C VAL A 91 3.59 31.54 -9.63
N THR A 92 4.84 31.13 -9.71
CA THR A 92 5.67 31.31 -10.89
C THR A 92 6.23 29.96 -11.37
N VAL A 93 5.95 29.64 -12.64
CA VAL A 93 6.49 28.45 -13.30
C VAL A 93 7.20 28.88 -14.59
N GLY A 94 8.48 28.55 -14.70
CA GLY A 94 9.33 29.19 -15.69
C GLY A 94 9.38 30.68 -15.41
N ASN A 95 9.29 31.53 -16.43
CA ASN A 95 9.06 32.94 -16.17
C ASN A 95 7.65 33.37 -16.54
N LEU A 96 6.71 32.42 -16.46
CA LEU A 96 5.28 32.73 -16.42
C LEU A 96 4.83 32.81 -14.97
N SER A 97 3.85 33.67 -14.69
CA SER A 97 3.29 33.76 -13.33
C SER A 97 1.83 34.19 -13.28
N LEU A 98 1.16 33.78 -12.22
CA LEU A 98 -0.19 34.24 -11.96
C LEU A 98 -0.53 34.16 -10.47
N PRO A 99 -1.44 35.01 -10.01
CA PRO A 99 -2.06 34.83 -8.70
C PRO A 99 -2.84 33.53 -8.65
N TYR A 100 -2.52 32.67 -7.69
CA TYR A 100 -3.04 31.32 -7.65
C TYR A 100 -3.39 30.88 -6.23
N LYS A 101 -4.44 30.10 -6.12
CA LYS A 101 -4.89 29.49 -4.87
C LYS A 101 -4.18 28.15 -4.73
N PHE A 102 -3.65 27.88 -3.54
CA PHE A 102 -2.87 26.68 -3.26
C PHE A 102 -2.99 26.30 -1.78
N ILE A 103 -2.37 25.19 -1.39
CA ILE A 103 -2.43 24.74 0.01
C ILE A 103 -1.08 24.91 0.72
N GLU A 104 -1.14 25.54 1.90
CA GLU A 104 -0.05 25.61 2.85
C GLU A 104 -0.22 24.41 3.74
N VAL A 105 0.64 23.42 3.59
CA VAL A 105 0.59 22.24 4.43
C VAL A 105 1.30 22.51 5.75
N ILE A 106 0.61 22.16 6.84
CA ILE A 106 1.19 22.25 8.18
C ILE A 106 1.29 20.88 8.89
N ASP A 107 0.77 19.82 8.26
CA ASP A 107 0.80 18.47 8.81
C ASP A 107 1.05 17.41 7.73
N THR A 108 2.20 16.76 7.82
CA THR A 108 2.64 15.76 6.84
C THR A 108 2.81 14.35 7.39
N ASN A 109 2.37 14.10 8.62
CA ASN A 109 2.54 12.77 9.24
C ASN A 109 1.83 11.62 8.53
N GLY A 110 0.77 11.92 7.79
CA GLY A 110 0.06 10.92 6.99
C GLY A 110 0.70 10.62 5.64
N PHE A 111 1.89 11.16 5.42
CA PHE A 111 2.56 11.11 4.13
C PHE A 111 3.91 10.43 4.24
N GLU A 112 4.10 9.66 5.31
CA GLU A 112 5.36 8.96 5.57
C GLU A 112 5.18 7.46 5.30
N PRO A 113 6.26 6.75 4.92
CA PRO A 113 7.65 7.25 4.90
C PRO A 113 8.06 8.12 3.70
N THR A 114 7.19 8.30 2.72
CA THR A 114 7.59 8.92 1.45
C THR A 114 8.23 10.31 1.58
N TYR A 115 7.57 11.20 2.32
CA TYR A 115 7.95 12.63 2.36
C TYR A 115 9.36 12.85 2.94
N THR A 116 9.68 12.14 4.01
CA THR A 116 10.99 12.23 4.67
C THR A 116 12.09 11.56 3.86
N ALA A 117 11.72 10.54 3.10
CA ALA A 117 12.66 9.80 2.23
C ALA A 117 12.98 10.53 0.92
N SER A 118 12.17 11.52 0.55
CA SER A 118 12.26 12.18 -0.76
C SER A 118 12.72 13.63 -0.63
N THR A 119 13.20 14.19 -1.74
CA THR A 119 13.70 15.56 -1.74
C THR A 119 12.77 16.61 -2.38
N PHE A 120 11.55 16.22 -2.69
CA PHE A 120 10.56 17.18 -3.13
C PHE A 120 9.95 17.89 -1.93
N ASP A 121 9.54 19.15 -2.13
CA ASP A 121 8.85 19.93 -1.11
C ASP A 121 7.34 19.78 -1.22
N GLY A 122 6.82 19.89 -2.43
CA GLY A 122 5.39 19.88 -2.63
C GLY A 122 4.98 19.16 -3.90
N ILE A 123 3.72 19.31 -4.28
CA ILE A 123 3.19 18.69 -5.48
C ILE A 123 2.42 19.72 -6.25
N LEU A 124 2.71 19.82 -7.54
CA LEU A 124 2.03 20.72 -8.44
C LEU A 124 1.16 19.87 -9.37
N GLY A 125 -0.15 19.89 -9.13
CA GLY A 125 -1.09 19.15 -9.95
C GLY A 125 -1.21 19.77 -11.33
N LEU A 126 -1.34 18.93 -12.35
CA LEU A 126 -1.53 19.38 -13.74
C LEU A 126 -2.72 18.66 -14.37
N GLY A 127 -3.71 18.31 -13.56
CA GLY A 127 -4.91 17.65 -14.02
C GLY A 127 -5.98 18.66 -14.37
N TRP A 128 -7.24 18.24 -14.23
CA TRP A 128 -8.40 19.03 -14.61
C TRP A 128 -9.14 19.48 -13.37
N LYS A 129 -9.95 20.54 -13.54
CA LYS A 129 -10.64 21.20 -12.44
C LYS A 129 -11.51 20.29 -11.59
N ASP A 130 -12.10 19.27 -12.19
CA ASP A 130 -13.00 18.38 -11.46
C ASP A 130 -12.25 17.43 -10.52
N LEU A 131 -10.95 17.27 -10.76
CA LEU A 131 -10.08 16.46 -9.91
C LEU A 131 -9.62 17.21 -8.65
N SER A 132 -9.77 18.54 -8.67
CA SER A 132 -9.29 19.39 -7.59
C SER A 132 -10.22 19.42 -6.39
N ILE A 133 -9.63 19.75 -5.25
CA ILE A 133 -10.36 20.18 -4.06
C ILE A 133 -10.40 21.69 -4.09
N GLY A 134 -11.54 22.26 -3.70
CA GLY A 134 -11.73 23.71 -3.69
C GLY A 134 -11.94 24.34 -5.06
N SER A 135 -12.29 23.49 -6.04
CA SER A 135 -12.52 23.85 -7.46
C SER A 135 -11.63 24.95 -8.03
N VAL A 136 -10.33 24.63 -8.10
CA VAL A 136 -9.31 25.51 -8.62
C VAL A 136 -9.17 25.23 -10.11
N ASP A 137 -9.18 26.29 -10.91
CA ASP A 137 -8.90 26.20 -12.33
C ASP A 137 -7.42 25.82 -12.47
N PRO A 138 -7.09 24.91 -13.38
CA PRO A 138 -5.68 24.51 -13.58
C PRO A 138 -4.80 25.69 -13.93
N ILE A 139 -3.54 25.64 -13.53
CA ILE A 139 -2.58 26.70 -13.83
C ILE A 139 -2.54 27.05 -15.30
N VAL A 140 -2.43 26.04 -16.15
CA VAL A 140 -2.23 26.25 -17.60
C VAL A 140 -3.52 26.80 -18.24
N VAL A 141 -4.68 26.42 -17.70
CA VAL A 141 -5.97 26.95 -18.15
C VAL A 141 -6.06 28.44 -17.84
N GLU A 142 -5.74 28.81 -16.60
CA GLU A 142 -5.77 30.21 -16.14
C GLU A 142 -4.77 31.09 -16.88
N LEU A 143 -3.58 30.57 -17.13
CA LEU A 143 -2.59 31.32 -17.90
C LEU A 143 -3.13 31.69 -19.28
N LYS A 144 -3.85 30.76 -19.92
CA LYS A 144 -4.37 30.98 -21.26
C LYS A 144 -5.55 31.93 -21.28
N ASN A 145 -6.37 31.89 -20.23
CA ASN A 145 -7.52 32.79 -20.09
C ASN A 145 -7.07 34.22 -19.75
N GLN A 146 -5.79 34.38 -19.39
CA GLN A 146 -5.17 35.66 -19.11
C GLN A 146 -4.22 36.02 -20.22
N ASN A 147 -4.18 35.18 -21.24
CA ASN A 147 -3.41 35.40 -22.46
C ASN A 147 -1.90 35.52 -22.27
N LYS A 148 -1.36 34.77 -21.31
CA LYS A 148 0.08 34.68 -21.07
C LYS A 148 0.75 33.57 -21.89
N ILE A 149 -0.06 32.67 -22.46
CA ILE A 149 0.45 31.63 -23.37
C ILE A 149 -0.46 31.52 -24.60
N GLU A 150 0.14 31.09 -25.72
CA GLU A 150 -0.61 30.92 -26.99
C GLU A 150 -1.68 29.82 -26.84
N ASN A 151 -1.24 28.64 -26.39
CA ASN A 151 -2.12 27.48 -26.22
C ASN A 151 -2.21 27.01 -24.75
N ALA A 152 -3.40 26.57 -24.33
CA ALA A 152 -3.56 25.92 -23.03
C ALA A 152 -3.19 24.44 -23.14
N LEU A 153 -1.92 24.18 -23.38
CA LEU A 153 -1.36 22.84 -23.28
C LEU A 153 -0.03 22.88 -22.55
N PHE A 154 0.46 21.71 -22.19
CA PHE A 154 1.82 21.54 -21.70
C PHE A 154 2.32 20.18 -22.16
N THR A 155 3.61 19.95 -21.94
CA THR A 155 4.30 18.91 -22.63
C THR A 155 5.35 18.28 -21.69
N PHE A 156 5.49 16.97 -21.77
CA PHE A 156 6.47 16.25 -20.97
C PHE A 156 7.49 15.51 -21.80
N TYR A 157 8.75 15.89 -21.63
CA TYR A 157 9.92 15.14 -22.10
C TYR A 157 10.69 14.72 -20.85
N LEU A 158 10.59 13.46 -20.46
CA LEU A 158 11.19 12.99 -19.21
C LEU A 158 12.70 12.88 -19.29
N PRO A 159 13.37 13.11 -18.16
CA PRO A 159 14.82 12.90 -18.09
C PRO A 159 15.10 11.41 -18.15
N VAL A 160 16.22 11.03 -18.76
CA VAL A 160 16.68 9.65 -18.65
C VAL A 160 17.98 9.63 -17.85
N HIS A 161 18.07 8.66 -16.94
CA HIS A 161 19.10 8.59 -15.89
C HIS A 161 20.49 9.17 -16.27
N ASP A 162 21.25 8.43 -17.08
CA ASP A 162 22.60 8.86 -17.46
C ASP A 162 22.59 9.73 -18.72
N LYS A 163 21.65 9.48 -19.61
CA LYS A 163 21.61 10.16 -20.90
C LYS A 163 21.42 11.69 -20.76
N HIS A 164 20.20 12.15 -20.43
CA HIS A 164 19.86 13.58 -20.53
C HIS A 164 18.83 14.07 -19.48
N THR A 165 18.68 15.39 -19.32
CA THR A 165 17.57 15.95 -18.51
C THR A 165 16.26 15.98 -19.30
N GLY A 166 15.21 16.50 -18.65
CA GLY A 166 13.88 16.54 -19.21
C GLY A 166 13.33 17.94 -19.17
N PHE A 167 12.12 18.10 -19.69
CA PHE A 167 11.47 19.39 -19.75
C PHE A 167 9.96 19.28 -19.63
N LEU A 168 9.39 20.18 -18.84
CA LEU A 168 7.97 20.45 -18.85
C LEU A 168 7.85 21.76 -19.59
N THR A 169 7.26 21.74 -20.78
CA THR A 169 7.06 22.94 -21.56
C THR A 169 5.60 23.35 -21.52
N ILE A 170 5.37 24.64 -21.30
CA ILE A 170 4.04 25.18 -21.20
C ILE A 170 3.78 26.14 -22.37
N GLY A 171 2.68 25.91 -23.10
CA GLY A 171 2.19 26.87 -24.08
C GLY A 171 2.29 26.48 -25.55
N GLY A 172 3.17 25.52 -25.85
CA GLY A 172 3.42 25.12 -27.21
C GLY A 172 4.22 23.84 -27.37
N ILE A 173 4.14 23.28 -28.56
CA ILE A 173 4.77 22.00 -28.86
C ILE A 173 6.07 22.28 -29.58
N GLU A 174 7.14 21.59 -29.15
CA GLU A 174 8.46 21.79 -29.71
C GLU A 174 8.94 20.51 -30.37
N GLU A 175 9.26 20.61 -31.66
CA GLU A 175 9.73 19.50 -32.49
C GLU A 175 10.94 18.78 -31.90
N ARG A 176 11.79 19.53 -31.19
CA ARG A 176 13.06 19.00 -30.69
C ARG A 176 12.89 17.81 -29.73
N PHE A 177 11.73 17.68 -29.10
CA PHE A 177 11.49 16.64 -28.10
C PHE A 177 11.06 15.28 -28.66
N TYR A 178 10.66 15.23 -29.93
CA TYR A 178 10.10 13.99 -30.46
C TYR A 178 10.51 13.68 -31.90
N GLU A 179 10.27 12.43 -32.30
CA GLU A 179 10.49 11.96 -33.65
C GLU A 179 9.22 11.27 -34.15
N GLY A 180 9.02 11.32 -35.47
CA GLY A 180 7.83 10.78 -36.08
C GLY A 180 6.68 11.68 -35.74
N PRO A 181 5.48 11.26 -36.09
CA PRO A 181 4.28 12.10 -35.88
C PRO A 181 3.69 11.99 -34.46
N LEU A 182 3.05 13.08 -34.03
CA LEU A 182 2.15 13.06 -32.91
C LEU A 182 0.85 12.44 -33.35
N THR A 183 0.23 11.71 -32.44
CA THR A 183 -1.07 11.11 -32.60
C THR A 183 -1.84 11.56 -31.41
N TYR A 184 -3.08 12.01 -31.62
CA TYR A 184 -3.88 12.52 -30.53
C TYR A 184 -5.00 11.55 -30.16
N GLU A 185 -5.26 11.47 -28.88
CA GLU A 185 -6.31 10.64 -28.35
C GLU A 185 -7.20 11.53 -27.50
N LYS A 186 -8.49 11.51 -27.79
CA LYS A 186 -9.44 12.35 -27.09
C LYS A 186 -9.69 11.76 -25.70
N LEU A 187 -9.82 12.66 -24.73
CA LEU A 187 -10.13 12.29 -23.36
C LEU A 187 -11.53 11.68 -23.34
N ASN A 188 -11.70 10.58 -22.60
CA ASN A 188 -13.06 10.09 -22.33
C ASN A 188 -13.74 10.91 -21.23
N HIS A 189 -12.97 11.57 -20.37
CA HIS A 189 -13.53 12.50 -19.38
C HIS A 189 -12.54 13.60 -19.03
N ASP A 190 -13.05 14.71 -18.52
CA ASP A 190 -12.22 15.87 -18.14
C ASP A 190 -11.91 15.81 -16.66
N LEU A 191 -11.06 14.87 -16.26
CA LEU A 191 -10.78 14.63 -14.85
C LEU A 191 -9.29 14.35 -14.68
N TYR A 192 -8.88 13.10 -14.85
CA TYR A 192 -7.49 12.80 -15.12
C TYR A 192 -7.34 12.95 -16.61
N TRP A 193 -6.10 12.83 -17.07
CA TRP A 193 -5.84 12.73 -18.49
C TRP A 193 -6.05 11.28 -18.87
N GLN A 194 -7.31 10.95 -19.14
CA GLN A 194 -7.73 9.57 -19.32
C GLN A 194 -8.31 9.40 -20.71
N ILE A 195 -7.72 8.45 -21.44
CA ILE A 195 -8.14 8.12 -22.79
C ILE A 195 -8.53 6.64 -22.82
N THR A 196 -9.09 6.21 -23.95
CA THR A 196 -9.55 4.84 -24.11
C THR A 196 -8.68 4.12 -25.12
N LEU A 197 -8.11 2.99 -24.71
CA LEU A 197 -7.27 2.18 -25.57
C LEU A 197 -7.57 0.70 -25.32
N ASP A 198 -7.41 -0.12 -26.35
CA ASP A 198 -7.39 -1.56 -26.17
C ASP A 198 -6.04 -1.91 -25.57
N ALA A 199 -6.04 -2.73 -24.52
CA ALA A 199 -4.80 -3.15 -23.86
C ALA A 199 -4.54 -4.63 -24.13
N HIS A 200 -3.46 -4.91 -24.82
CA HIS A 200 -3.12 -6.26 -25.24
C HIS A 200 -1.70 -6.61 -24.75
N VAL A 201 -1.55 -7.77 -24.09
CA VAL A 201 -0.22 -8.17 -23.61
C VAL A 201 0.18 -9.55 -24.10
N GLY A 202 -0.41 -10.59 -23.54
CA GLY A 202 -0.01 -11.92 -23.97
C GLY A 202 -0.86 -12.26 -25.16
N ASN A 203 -1.78 -13.19 -24.95
CA ASN A 203 -3.01 -13.30 -25.71
C ASN A 203 -4.15 -12.81 -24.81
N ILE A 204 -3.80 -12.01 -23.80
CA ILE A 204 -4.77 -11.35 -22.94
C ILE A 204 -5.11 -10.01 -23.58
N MET A 205 -6.40 -9.70 -23.62
CA MET A 205 -6.90 -8.44 -24.16
C MET A 205 -7.91 -7.83 -23.19
N LEU A 206 -7.85 -6.52 -23.04
CA LEU A 206 -8.90 -5.77 -22.38
C LEU A 206 -9.28 -4.68 -23.38
N GLU A 207 -10.45 -4.82 -24.00
CA GLU A 207 -10.90 -3.84 -24.97
C GLU A 207 -11.45 -2.63 -24.24
N LYS A 208 -11.18 -1.45 -24.81
CA LYS A 208 -11.72 -0.17 -24.35
C LYS A 208 -11.41 0.12 -22.88
N ALA A 209 -10.17 -0.15 -22.49
CA ALA A 209 -9.69 0.14 -21.15
C ALA A 209 -9.48 1.64 -20.97
N ASN A 210 -9.75 2.13 -19.78
CA ASN A 210 -9.51 3.50 -19.44
C ASN A 210 -8.03 3.61 -19.06
N CYS A 211 -7.26 4.38 -19.83
CA CYS A 211 -5.84 4.59 -19.59
C CYS A 211 -5.56 6.01 -19.10
N ILE A 212 -4.84 6.12 -17.98
CA ILE A 212 -4.55 7.40 -17.38
C ILE A 212 -3.07 7.71 -17.59
N VAL A 213 -2.77 8.85 -18.20
CA VAL A 213 -1.39 9.27 -18.42
C VAL A 213 -1.02 10.11 -17.20
N ASP A 214 -0.16 9.56 -16.35
CA ASP A 214 0.12 10.13 -15.03
C ASP A 214 1.62 10.25 -14.72
N SER A 215 2.13 11.48 -14.83
CA SER A 215 3.53 11.79 -14.58
C SER A 215 3.99 11.56 -13.13
N GLY A 216 3.06 11.60 -12.17
CA GLY A 216 3.38 11.39 -10.77
C GLY A 216 3.30 9.95 -10.29
N THR A 217 3.05 9.01 -11.20
CA THR A 217 3.07 7.58 -10.89
C THR A 217 4.34 6.98 -11.47
N SER A 218 5.11 6.33 -10.61
CA SER A 218 6.44 5.87 -11.00
C SER A 218 6.41 4.49 -11.63
N ALA A 219 5.24 3.86 -11.69
CA ALA A 219 5.13 2.54 -12.29
C ALA A 219 4.15 2.52 -13.47
N ILE A 220 4.09 1.39 -14.16
CA ILE A 220 2.94 1.04 -14.98
C ILE A 220 1.99 0.31 -14.06
N THR A 221 0.76 0.78 -14.03
CA THR A 221 -0.28 0.22 -13.20
C THR A 221 -1.21 -0.56 -14.13
N VAL A 222 -1.73 -1.69 -13.65
CA VAL A 222 -2.43 -2.66 -14.48
C VAL A 222 -3.59 -3.24 -13.66
N PRO A 223 -4.70 -3.65 -14.28
CA PRO A 223 -5.74 -4.34 -13.52
C PRO A 223 -5.20 -5.67 -12.97
N THR A 224 -5.53 -5.88 -11.71
CA THR A 224 -5.17 -7.03 -10.90
C THR A 224 -5.32 -8.39 -11.57
N ASP A 225 -6.47 -8.63 -12.20
CA ASP A 225 -6.73 -9.89 -12.87
C ASP A 225 -5.87 -10.01 -14.12
N PHE A 226 -5.74 -8.90 -14.83
CA PHE A 226 -4.95 -8.82 -16.04
C PHE A 226 -3.47 -9.08 -15.72
N LEU A 227 -2.97 -8.50 -14.64
CA LEU A 227 -1.59 -8.72 -14.21
C LEU A 227 -1.39 -10.18 -13.81
N ASN A 228 -2.36 -10.73 -13.09
CA ASN A 228 -2.29 -12.12 -12.67
C ASN A 228 -2.19 -13.12 -13.80
N LYS A 229 -2.92 -12.91 -14.88
CA LYS A 229 -2.89 -13.79 -16.04
C LYS A 229 -1.63 -13.57 -16.90
N MET A 230 -1.20 -12.31 -16.98
CA MET A 230 0.05 -11.91 -17.62
C MET A 230 1.27 -12.72 -17.15
N LEU A 231 1.40 -12.85 -15.83
CA LEU A 231 2.54 -13.49 -15.19
C LEU A 231 2.39 -14.99 -15.03
N GLN A 232 1.31 -15.56 -15.55
CA GLN A 232 1.00 -16.97 -15.36
C GLN A 232 2.21 -17.90 -15.55
N ASN A 233 2.75 -17.96 -16.76
CA ASN A 233 3.89 -18.85 -17.01
C ASN A 233 5.10 -18.10 -17.62
N LEU A 234 5.19 -16.82 -17.31
CA LEU A 234 6.47 -16.11 -17.38
C LEU A 234 7.18 -16.68 -16.20
N ASP A 235 8.49 -16.54 -16.15
CA ASP A 235 9.20 -17.10 -14.99
C ASP A 235 9.56 -15.96 -14.06
N VAL A 236 8.53 -15.43 -13.40
CA VAL A 236 8.61 -14.24 -12.57
C VAL A 236 8.18 -14.62 -11.16
N ILE A 237 8.98 -14.21 -10.19
CA ILE A 237 8.70 -14.51 -8.79
C ILE A 237 8.01 -13.32 -8.12
N LYS A 238 6.75 -13.54 -7.69
CA LYS A 238 6.08 -12.61 -6.81
C LYS A 238 6.45 -13.01 -5.39
N VAL A 239 7.30 -12.23 -4.76
CA VAL A 239 7.69 -12.47 -3.37
C VAL A 239 6.40 -12.38 -2.53
N PRO A 240 6.11 -13.41 -1.73
CA PRO A 240 4.81 -13.53 -1.06
C PRO A 240 4.35 -12.29 -0.28
N PHE A 241 3.12 -11.88 -0.57
CA PHE A 241 2.46 -10.71 0.00
C PHE A 241 3.01 -9.34 -0.39
N LEU A 242 4.00 -9.31 -1.29
CA LEU A 242 4.57 -8.05 -1.76
C LEU A 242 4.29 -7.83 -3.25
N PRO A 243 4.13 -6.57 -3.67
CA PRO A 243 4.11 -6.22 -5.08
C PRO A 243 5.53 -6.14 -5.59
N PHE A 244 6.28 -7.24 -5.45
CA PHE A 244 7.70 -7.26 -5.78
C PHE A 244 7.90 -8.45 -6.74
N TYR A 245 8.17 -8.11 -8.00
CA TYR A 245 8.23 -9.08 -9.08
C TYR A 245 9.63 -9.12 -9.65
N VAL A 246 10.27 -10.28 -9.57
CA VAL A 246 11.67 -10.45 -9.95
C VAL A 246 11.82 -11.43 -11.11
N THR A 247 12.63 -11.05 -12.10
CA THR A 247 12.98 -11.89 -13.24
C THR A 247 14.42 -11.72 -13.60
N LEU A 248 14.95 -12.67 -14.36
CA LEU A 248 16.15 -12.42 -15.14
C LEU A 248 15.83 -11.28 -16.09
N CYS A 249 16.73 -10.30 -16.17
CA CYS A 249 16.62 -9.22 -17.15
C CYS A 249 16.44 -9.79 -18.56
N ASN A 250 17.12 -10.90 -18.82
CA ASN A 250 17.07 -11.60 -20.11
C ASN A 250 15.91 -12.57 -20.37
N ASN A 251 15.13 -12.86 -19.34
CA ASN A 251 13.93 -13.69 -19.51
C ASN A 251 13.35 -13.44 -20.90
N SER A 252 13.43 -14.44 -21.76
CA SER A 252 12.96 -14.27 -23.14
C SER A 252 11.44 -14.37 -23.29
N LYS A 253 10.71 -14.68 -22.22
CA LYS A 253 9.24 -14.72 -22.22
C LYS A 253 8.56 -13.37 -21.90
N LEU A 254 9.32 -12.37 -21.47
CA LEU A 254 8.72 -11.11 -21.05
C LEU A 254 7.97 -10.45 -22.20
N PRO A 255 6.70 -10.16 -21.99
CA PRO A 255 5.84 -9.69 -23.07
C PRO A 255 6.00 -8.18 -23.29
N THR A 256 5.46 -7.73 -24.42
CA THR A 256 5.39 -6.32 -24.77
C THR A 256 3.93 -5.84 -24.58
N PHE A 257 3.73 -4.81 -23.78
CA PHE A 257 2.44 -4.15 -23.70
C PHE A 257 2.15 -3.48 -25.03
N GLU A 258 0.92 -3.64 -25.48
CA GLU A 258 0.45 -3.06 -26.72
C GLU A 258 -0.86 -2.35 -26.40
N PHE A 259 -0.89 -1.04 -26.55
CA PHE A 259 -2.11 -0.27 -26.40
C PHE A 259 -2.45 0.29 -27.77
N THR A 260 -3.68 0.07 -28.25
CA THR A 260 -4.07 0.49 -29.59
C THR A 260 -5.38 1.28 -29.65
N SER A 261 -5.48 2.13 -30.68
CA SER A 261 -6.69 2.87 -31.02
C SER A 261 -6.83 2.87 -32.54
N GLU A 262 -7.79 3.61 -33.07
CA GLU A 262 -7.89 3.81 -34.53
C GLU A 262 -6.70 4.64 -35.01
N ASN A 263 -6.30 5.62 -34.22
CA ASN A 263 -5.22 6.55 -34.61
C ASN A 263 -3.80 5.98 -34.52
N GLY A 264 -3.57 5.08 -33.57
CA GLY A 264 -2.22 4.63 -33.31
C GLY A 264 -2.06 3.40 -32.42
N LYS A 265 -0.80 3.00 -32.30
CA LYS A 265 -0.39 1.81 -31.57
C LYS A 265 0.80 2.23 -30.72
N TYR A 266 0.75 1.95 -29.42
CA TYR A 266 1.82 2.32 -28.49
C TYR A 266 2.28 1.08 -27.73
N THR A 267 3.59 0.84 -27.73
CA THR A 267 4.12 -0.34 -27.09
C THR A 267 5.11 0.00 -25.99
N LEU A 268 5.26 -0.94 -25.08
CA LEU A 268 6.17 -0.82 -23.96
C LEU A 268 6.85 -2.18 -23.82
N GLU A 269 8.07 -2.25 -24.29
CA GLU A 269 8.81 -3.50 -24.34
C GLU A 269 9.49 -3.63 -23.00
N PRO A 270 9.98 -4.83 -22.69
CA PRO A 270 10.61 -5.08 -21.39
C PRO A 270 11.62 -4.01 -20.95
N GLU A 271 12.46 -3.54 -21.85
CA GLU A 271 13.47 -2.53 -21.52
C GLU A 271 12.88 -1.26 -20.87
N TYR A 272 11.61 -0.96 -21.13
CA TYR A 272 10.98 0.23 -20.55
C TYR A 272 10.27 -0.02 -19.22
N TYR A 273 9.80 -1.24 -18.97
CA TYR A 273 9.18 -1.51 -17.69
C TYR A 273 10.04 -2.31 -16.69
N LEU A 274 11.30 -2.62 -17.00
CA LEU A 274 12.20 -3.33 -16.08
C LEU A 274 13.19 -2.37 -15.39
N GLN A 275 13.41 -2.59 -14.09
CA GLN A 275 14.43 -1.88 -13.31
C GLN A 275 15.49 -2.87 -12.88
N HIS A 276 16.76 -2.58 -13.19
CA HIS A 276 17.85 -3.44 -12.76
C HIS A 276 17.94 -3.42 -11.24
N ILE A 277 18.15 -4.60 -10.66
CA ILE A 277 18.44 -4.74 -9.24
C ILE A 277 19.62 -5.70 -9.10
N GLU A 278 20.73 -5.31 -9.72
CA GLU A 278 22.00 -6.04 -9.66
C GLU A 278 22.51 -6.27 -8.23
N ASP A 279 22.32 -5.29 -7.33
CA ASP A 279 22.74 -5.44 -5.92
C ASP A 279 22.00 -6.59 -5.24
N VAL A 280 20.75 -6.82 -5.66
CA VAL A 280 19.96 -7.92 -5.13
C VAL A 280 20.57 -9.22 -5.62
N GLY A 281 20.78 -9.32 -6.92
CA GLY A 281 21.47 -10.46 -7.48
C GLY A 281 21.86 -10.23 -8.93
N PRO A 282 22.85 -10.99 -9.41
CA PRO A 282 23.35 -10.82 -10.78
C PRO A 282 22.33 -11.12 -11.88
N GLY A 283 22.27 -10.24 -12.88
CA GLY A 283 21.31 -10.34 -13.96
C GLY A 283 19.85 -10.21 -13.54
N LEU A 284 19.58 -9.68 -12.35
CA LEU A 284 18.20 -9.62 -11.86
C LEU A 284 17.58 -8.25 -12.14
N CYS A 285 16.31 -8.28 -12.49
CA CYS A 285 15.50 -7.08 -12.64
C CYS A 285 14.20 -7.22 -11.83
N MET A 286 13.48 -6.12 -11.66
CA MET A 286 12.16 -6.13 -11.10
C MET A 286 11.23 -5.47 -12.08
N LEU A 287 10.00 -5.98 -12.17
CA LEU A 287 8.97 -5.35 -12.99
C LEU A 287 8.48 -4.14 -12.24
N ASN A 288 8.63 -2.96 -12.84
CA ASN A 288 8.08 -1.72 -12.33
C ASN A 288 6.60 -1.64 -12.67
N ILE A 289 5.86 -2.59 -12.12
CA ILE A 289 4.44 -2.76 -12.42
C ILE A 289 3.73 -3.07 -11.13
N ILE A 290 2.58 -2.44 -10.95
CA ILE A 290 1.71 -2.64 -9.80
C ILE A 290 0.36 -3.09 -10.32
N GLY A 291 -0.31 -3.94 -9.56
CA GLY A 291 -1.66 -4.35 -9.85
C GLY A 291 -2.56 -3.43 -9.05
N LEU A 292 -3.57 -2.88 -9.71
CA LEU A 292 -4.44 -1.89 -9.07
C LEU A 292 -5.76 -1.87 -9.80
N ASP A 293 -6.83 -2.01 -9.02
CA ASP A 293 -8.18 -2.09 -9.54
C ASP A 293 -8.89 -0.80 -9.26
N PHE A 294 -9.57 -0.32 -10.28
CA PHE A 294 -10.41 0.86 -10.18
C PHE A 294 -11.84 0.35 -10.35
N PRO A 295 -12.84 1.22 -10.17
CA PRO A 295 -14.23 0.82 -10.41
C PRO A 295 -14.41 0.31 -11.82
N VAL A 296 -13.74 0.97 -12.76
CA VAL A 296 -13.71 0.57 -14.16
C VAL A 296 -12.28 0.13 -14.51
N PRO A 297 -12.09 -0.99 -15.22
CA PRO A 297 -10.74 -1.50 -15.55
C PRO A 297 -9.81 -0.45 -16.17
N THR A 298 -8.67 -0.22 -15.51
CA THR A 298 -7.84 0.96 -15.74
C THR A 298 -6.36 0.65 -15.65
N PHE A 299 -5.60 1.17 -16.62
CA PHE A 299 -4.15 1.20 -16.59
C PHE A 299 -3.72 2.61 -16.23
N ILE A 300 -2.63 2.76 -15.47
CA ILE A 300 -1.95 4.04 -15.37
C ILE A 300 -0.67 3.93 -16.16
N LEU A 301 -0.60 4.73 -17.21
CA LEU A 301 0.59 4.89 -18.00
C LEU A 301 1.45 5.94 -17.30
N GLY A 302 2.23 5.48 -16.33
CA GLY A 302 3.11 6.34 -15.57
C GLY A 302 4.43 6.59 -16.24
N ASP A 303 5.42 6.97 -15.44
CA ASP A 303 6.72 7.38 -15.93
C ASP A 303 7.38 6.41 -16.91
N PRO A 304 7.30 5.09 -16.72
CA PRO A 304 7.92 4.18 -17.69
C PRO A 304 7.38 4.37 -19.11
N PHE A 305 6.08 4.57 -19.23
CA PHE A 305 5.47 4.92 -20.51
C PHE A 305 5.98 6.27 -21.00
N MET A 306 5.85 7.29 -20.18
CA MET A 306 6.22 8.66 -20.57
C MET A 306 7.71 8.83 -20.82
N ARG A 307 8.52 7.88 -20.37
CA ARG A 307 9.95 7.87 -20.66
C ARG A 307 10.17 7.55 -22.12
N LYS A 308 9.41 6.57 -22.64
CA LYS A 308 9.43 6.23 -24.06
C LYS A 308 8.79 7.28 -24.94
N TYR A 309 7.61 7.76 -24.53
CA TYR A 309 6.77 8.60 -25.37
C TYR A 309 6.69 10.02 -24.86
N PHE A 310 7.13 10.96 -25.67
CA PHE A 310 6.84 12.37 -25.47
C PHE A 310 5.33 12.54 -25.42
N THR A 311 4.81 13.33 -24.49
CA THR A 311 3.37 13.52 -24.39
C THR A 311 2.93 15.00 -24.40
N VAL A 312 1.78 15.26 -25.04
CA VAL A 312 1.19 16.60 -25.13
C VAL A 312 -0.14 16.58 -24.41
N PHE A 313 -0.37 17.54 -23.52
CA PHE A 313 -1.56 17.54 -22.69
C PHE A 313 -2.33 18.81 -23.05
N ASP A 314 -3.41 18.65 -23.80
CA ASP A 314 -4.06 19.77 -24.47
C ASP A 314 -5.43 19.99 -23.88
N TYR A 315 -5.55 21.05 -23.09
CA TYR A 315 -6.83 21.43 -22.47
C TYR A 315 -7.83 21.99 -23.48
N ASP A 316 -7.35 22.82 -24.42
CA ASP A 316 -8.24 23.46 -25.40
C ASP A 316 -9.01 22.42 -26.18
N ASN A 317 -8.27 21.42 -26.67
CA ASN A 317 -8.79 20.38 -27.56
C ASN A 317 -9.13 19.07 -26.84
N HIS A 318 -9.08 19.09 -25.50
CA HIS A 318 -9.44 17.94 -24.66
C HIS A 318 -8.81 16.63 -25.13
N SER A 319 -7.50 16.60 -25.25
CA SER A 319 -6.86 15.39 -25.71
C SER A 319 -5.41 15.23 -25.24
N VAL A 320 -4.86 14.06 -25.50
CA VAL A 320 -3.46 13.76 -25.23
C VAL A 320 -2.78 13.44 -26.54
N GLY A 321 -1.64 14.05 -26.80
CA GLY A 321 -0.81 13.68 -27.92
C GLY A 321 0.34 12.81 -27.47
N ILE A 322 0.75 11.89 -28.34
CA ILE A 322 1.75 10.89 -28.06
C ILE A 322 2.66 10.73 -29.26
N ALA A 323 3.95 10.78 -29.02
CA ALA A 323 4.93 10.49 -30.05
C ALA A 323 6.18 9.91 -29.40
N LEU A 324 6.98 9.22 -30.20
CA LEU A 324 8.24 8.69 -29.74
C LEU A 324 9.19 9.82 -29.28
N ALA A 325 9.62 9.76 -28.01
CA ALA A 325 10.60 10.70 -27.47
C ALA A 325 11.96 10.52 -28.10
N LYS A 326 12.60 11.63 -28.47
CA LYS A 326 13.96 11.61 -29.00
C LYS A 326 14.89 11.08 -27.92
N LYS A 327 15.75 10.14 -28.29
CA LYS A 327 16.68 9.51 -27.35
C LYS A 327 17.65 10.52 -26.77
N ASN A 328 18.17 11.43 -27.60
CA ASN A 328 19.03 12.51 -27.13
C ASN A 328 18.64 13.85 -27.73
N LEU A 329 18.72 14.89 -26.90
CA LEU A 329 18.56 16.27 -27.38
C LEU A 329 19.82 16.72 -28.12
N SER B 1 -6.88 -33.05 25.87
CA SER B 1 -8.30 -32.90 25.41
C SER B 1 -9.22 -32.41 26.55
N SER B 2 -10.15 -31.52 26.20
CA SER B 2 -11.04 -30.83 27.16
C SER B 2 -11.43 -29.45 26.59
N ASN B 3 -10.44 -28.80 25.96
CA ASN B 3 -10.63 -27.54 25.23
C ASN B 3 -10.85 -27.76 23.74
N ASP B 4 -11.26 -26.70 23.06
CA ASP B 4 -11.49 -26.70 21.62
C ASP B 4 -10.24 -26.37 20.78
N ASN B 5 -9.56 -27.40 20.27
CA ASN B 5 -8.32 -27.24 19.50
C ASN B 5 -8.54 -27.27 17.98
N ILE B 6 -8.03 -26.24 17.30
CA ILE B 6 -8.26 -26.00 15.87
C ILE B 6 -6.91 -25.95 15.16
N GLU B 7 -6.65 -26.88 14.25
CA GLU B 7 -5.30 -27.01 13.71
C GLU B 7 -4.94 -25.88 12.74
N LEU B 8 -3.66 -25.51 12.74
CA LEU B 8 -3.14 -24.42 11.94
C LEU B 8 -2.08 -24.91 10.97
N VAL B 9 -2.18 -24.47 9.72
CA VAL B 9 -1.22 -24.83 8.70
C VAL B 9 -0.34 -23.64 8.36
N ASP B 10 0.95 -23.91 8.25
CA ASP B 10 1.92 -22.91 7.88
C ASP B 10 1.95 -22.63 6.38
N PHE B 11 2.28 -21.38 6.04
CA PHE B 11 2.73 -21.00 4.72
C PHE B 11 4.09 -20.31 4.83
N GLN B 12 5.15 -21.09 4.67
CA GLN B 12 6.51 -20.59 4.45
C GLN B 12 7.07 -19.71 5.58
N ASN B 13 6.60 -19.96 6.80
CA ASN B 13 6.83 -19.06 7.93
C ASN B 13 6.56 -17.59 7.58
N ILE B 14 5.60 -17.33 6.71
CA ILE B 14 5.15 -15.97 6.41
C ILE B 14 3.83 -15.74 7.11
N MET B 15 2.88 -16.62 6.85
CA MET B 15 1.53 -16.55 7.37
C MET B 15 1.09 -17.95 7.80
N PHE B 16 -0.01 -18.04 8.55
CA PHE B 16 -0.63 -19.32 8.87
C PHE B 16 -2.13 -19.21 8.64
N TYR B 17 -2.78 -20.35 8.46
CA TYR B 17 -4.24 -20.39 8.28
C TYR B 17 -4.89 -21.50 9.11
N GLY B 18 -6.19 -21.39 9.31
CA GLY B 18 -6.97 -22.43 9.94
C GLY B 18 -8.37 -22.48 9.37
N ASP B 19 -9.00 -23.64 9.47
CA ASP B 19 -10.33 -23.84 8.89
C ASP B 19 -11.45 -23.70 9.90
N ALA B 20 -12.61 -23.33 9.37
CA ALA B 20 -13.85 -23.20 10.13
C ALA B 20 -14.99 -23.22 9.11
N GLU B 21 -16.22 -23.47 9.55
CA GLU B 21 -17.33 -23.63 8.62
C GLU B 21 -18.50 -22.70 8.90
N VAL B 22 -19.36 -22.52 7.89
CA VAL B 22 -20.57 -21.72 7.99
C VAL B 22 -21.76 -22.48 7.39
N GLY B 23 -22.94 -22.34 7.99
CA GLY B 23 -24.10 -23.14 7.62
C GLY B 23 -24.13 -24.50 8.30
N ASP B 24 -25.23 -25.24 8.15
CA ASP B 24 -25.42 -26.51 8.88
C ASP B 24 -24.92 -27.73 8.10
N ASN B 25 -24.85 -27.61 6.77
CA ASN B 25 -23.89 -28.41 6.01
C ASN B 25 -22.50 -27.88 6.40
N GLN B 26 -21.45 -28.60 6.02
CA GLN B 26 -20.10 -28.12 6.37
C GLN B 26 -19.90 -26.73 5.77
N GLN B 27 -19.70 -26.66 4.45
CA GLN B 27 -19.25 -25.43 3.79
C GLN B 27 -17.97 -24.97 4.51
N PRO B 28 -16.87 -25.66 4.23
CA PRO B 28 -15.59 -25.36 4.89
C PRO B 28 -14.90 -24.13 4.28
N PHE B 29 -14.00 -23.52 5.05
CA PHE B 29 -13.24 -22.37 4.57
C PHE B 29 -11.88 -22.31 5.27
N THR B 30 -10.92 -21.69 4.59
CA THR B 30 -9.62 -21.40 5.15
C THR B 30 -9.57 -19.93 5.49
N PHE B 31 -9.23 -19.61 6.74
CA PHE B 31 -9.20 -18.25 7.23
C PHE B 31 -7.82 -17.80 7.68
N ILE B 32 -7.62 -16.49 7.59
CA ILE B 32 -6.65 -15.81 8.44
C ILE B 32 -7.37 -15.69 9.77
N LEU B 33 -6.85 -16.36 10.79
CA LEU B 33 -7.30 -16.18 12.17
C LEU B 33 -6.53 -15.03 12.78
N ASP B 34 -7.26 -13.95 13.07
CA ASP B 34 -6.68 -12.61 13.11
C ASP B 34 -7.07 -11.85 14.38
N THR B 35 -6.12 -11.71 15.30
CA THR B 35 -6.34 -11.03 16.57
C THR B 35 -6.36 -9.52 16.38
N GLY B 36 -5.97 -9.07 15.19
CA GLY B 36 -5.91 -7.67 14.89
C GLY B 36 -7.17 -7.10 14.26
N SER B 37 -8.19 -7.92 14.09
CA SER B 37 -9.51 -7.44 13.65
C SER B 37 -10.58 -8.17 14.43
N ALA B 38 -11.83 -7.77 14.25
CA ALA B 38 -12.92 -8.31 15.07
C ALA B 38 -14.17 -8.66 14.26
N ASN B 39 -14.00 -8.94 12.98
CA ASN B 39 -15.13 -9.37 12.14
C ASN B 39 -14.82 -10.67 11.44
N LEU B 40 -15.87 -11.42 11.13
CA LEU B 40 -15.74 -12.64 10.35
C LEU B 40 -16.31 -12.33 8.98
N TRP B 41 -15.61 -12.74 7.92
CA TRP B 41 -16.17 -12.65 6.58
C TRP B 41 -15.77 -13.82 5.71
N VAL B 42 -16.67 -14.14 4.77
CA VAL B 42 -16.48 -15.25 3.85
C VAL B 42 -16.97 -14.80 2.47
N PRO B 43 -16.32 -15.25 1.39
CA PRO B 43 -16.72 -14.81 0.05
C PRO B 43 -18.00 -15.49 -0.41
N SER B 44 -19.00 -14.68 -0.75
CA SER B 44 -20.30 -15.16 -1.22
C SER B 44 -20.18 -15.95 -2.52
N VAL B 45 -21.09 -16.89 -2.73
CA VAL B 45 -21.26 -17.53 -4.04
C VAL B 45 -21.79 -16.51 -5.05
N LYS B 46 -22.43 -15.45 -4.56
CA LYS B 46 -22.87 -14.31 -5.38
C LYS B 46 -21.75 -13.31 -5.74
N CYS B 47 -20.52 -13.62 -5.35
CA CYS B 47 -19.32 -12.88 -5.76
C CYS B 47 -18.81 -13.46 -7.08
N THR B 48 -18.61 -12.61 -8.08
CA THR B 48 -18.16 -13.05 -9.42
C THR B 48 -16.77 -12.53 -9.81
N THR B 49 -16.11 -11.81 -8.91
CA THR B 49 -14.76 -11.30 -9.15
C THR B 49 -13.78 -12.45 -9.44
N ALA B 50 -12.68 -12.13 -10.11
CA ALA B 50 -11.69 -13.13 -10.51
C ALA B 50 -11.02 -13.80 -9.31
N GLY B 51 -10.93 -13.07 -8.20
CA GLY B 51 -10.42 -13.64 -6.96
C GLY B 51 -11.33 -14.69 -6.37
N CYS B 52 -12.62 -14.40 -6.35
CA CYS B 52 -13.61 -15.35 -5.81
C CYS B 52 -13.70 -16.63 -6.63
N LEU B 53 -13.39 -16.55 -7.91
CA LEU B 53 -13.42 -17.72 -8.81
C LEU B 53 -12.47 -18.83 -8.38
N THR B 54 -11.45 -18.48 -7.61
CA THR B 54 -10.46 -19.45 -7.15
C THR B 54 -10.67 -19.89 -5.68
N LYS B 55 -11.78 -19.48 -5.07
CA LYS B 55 -12.00 -19.65 -3.62
C LYS B 55 -13.21 -20.51 -3.31
N HIS B 56 -13.28 -21.02 -2.09
CA HIS B 56 -14.48 -21.68 -1.58
C HIS B 56 -15.50 -20.62 -1.26
N LEU B 57 -16.70 -20.76 -1.81
CA LEU B 57 -17.73 -19.73 -1.70
C LEU B 57 -18.88 -20.17 -0.81
N TYR B 58 -19.59 -19.20 -0.24
CA TYR B 58 -20.63 -19.46 0.73
C TYR B 58 -22.02 -19.30 0.11
N ASP B 59 -22.68 -20.44 -0.11
CA ASP B 59 -24.07 -20.53 -0.59
C ASP B 59 -25.07 -20.45 0.57
N SER B 60 -25.65 -19.26 0.80
CA SER B 60 -26.59 -19.07 1.91
C SER B 60 -27.88 -19.90 1.78
N SER B 61 -28.23 -20.29 0.56
CA SER B 61 -29.39 -21.16 0.35
C SER B 61 -28.99 -22.62 0.09
N LYS B 62 -28.12 -23.15 0.94
CA LYS B 62 -27.90 -24.59 1.04
C LYS B 62 -27.81 -24.95 2.53
N SER B 63 -28.45 -24.12 3.36
CA SER B 63 -28.33 -24.19 4.81
C SER B 63 -29.58 -23.63 5.52
N ARG B 64 -30.23 -24.48 6.33
CA ARG B 64 -31.48 -24.14 7.03
C ARG B 64 -31.39 -23.02 8.06
N THR B 65 -30.19 -22.77 8.59
CA THR B 65 -29.99 -21.85 9.71
C THR B 65 -29.68 -20.42 9.27
N TYR B 66 -29.55 -20.20 7.96
CA TYR B 66 -29.33 -18.87 7.41
C TYR B 66 -30.50 -17.93 7.72
N GLU B 67 -30.18 -16.72 8.20
CA GLU B 67 -31.16 -15.68 8.47
C GLU B 67 -30.68 -14.37 7.87
N LYS B 68 -31.30 -13.96 6.77
CA LYS B 68 -30.82 -12.78 6.04
C LYS B 68 -30.86 -11.51 6.90
N ASP B 69 -29.93 -10.61 6.61
CA ASP B 69 -29.86 -9.29 7.24
C ASP B 69 -29.79 -8.26 6.11
N GLY B 70 -28.77 -8.39 5.26
CA GLY B 70 -28.68 -7.65 4.01
C GLY B 70 -28.02 -6.28 4.07
N THR B 71 -27.72 -5.79 5.27
CA THR B 71 -27.11 -4.46 5.44
C THR B 71 -25.71 -4.38 4.82
N LYS B 72 -25.42 -3.30 4.11
CA LYS B 72 -24.11 -3.10 3.47
C LYS B 72 -23.00 -2.83 4.50
N VAL B 73 -21.82 -3.39 4.26
CA VAL B 73 -20.62 -3.12 5.08
C VAL B 73 -19.34 -3.01 4.25
N GLU B 74 -18.53 -2.03 4.59
CA GLU B 74 -17.16 -1.94 4.11
C GLU B 74 -16.20 -2.30 5.25
N MET B 75 -15.55 -3.45 5.11
CA MET B 75 -14.51 -3.89 6.03
C MET B 75 -13.14 -3.35 5.61
N ASN B 76 -12.56 -2.48 6.43
CA ASN B 76 -11.28 -1.85 6.15
C ASN B 76 -10.13 -2.45 6.95
N TYR B 77 -9.02 -2.68 6.27
CA TYR B 77 -7.78 -3.17 6.87
C TYR B 77 -6.63 -2.29 6.39
N VAL B 78 -5.51 -2.30 7.11
CA VAL B 78 -4.32 -1.56 6.68
C VAL B 78 -3.93 -1.95 5.25
N SER B 79 -4.01 -3.25 4.95
CA SER B 79 -3.53 -3.81 3.69
C SER B 79 -4.58 -3.91 2.58
N GLY B 80 -5.82 -3.59 2.88
CA GLY B 80 -6.87 -3.65 1.86
C GLY B 80 -8.29 -3.62 2.36
N THR B 81 -9.23 -3.51 1.43
CA THR B 81 -10.63 -3.43 1.75
C THR B 81 -11.44 -4.50 1.04
N VAL B 82 -12.49 -4.93 1.72
CA VAL B 82 -13.41 -5.95 1.22
C VAL B 82 -14.82 -5.40 1.49
N SER B 83 -15.73 -5.57 0.54
CA SER B 83 -17.12 -5.10 0.69
C SER B 83 -18.13 -6.23 0.56
N GLY B 84 -19.31 -6.01 1.15
CA GLY B 84 -20.35 -7.02 1.11
C GLY B 84 -21.57 -6.61 1.92
N PHE B 85 -22.16 -7.59 2.61
CA PHE B 85 -23.36 -7.34 3.40
C PHE B 85 -23.49 -8.34 4.55
N PHE B 86 -24.16 -7.92 5.62
CA PHE B 86 -24.34 -8.75 6.80
C PHE B 86 -25.28 -9.91 6.57
N SER B 87 -24.98 -11.00 7.25
CA SER B 87 -25.82 -12.19 7.25
C SER B 87 -25.65 -12.86 8.63
N LYS B 88 -26.38 -13.95 8.86
CA LYS B 88 -26.26 -14.68 10.13
C LYS B 88 -26.46 -16.18 9.91
N ASP B 89 -25.74 -17.01 10.66
CA ASP B 89 -25.71 -18.46 10.42
C ASP B 89 -24.89 -19.20 11.50
N LEU B 90 -24.82 -20.51 11.38
CA LEU B 90 -24.04 -21.33 12.28
C LEU B 90 -22.57 -21.29 11.90
N VAL B 91 -21.73 -20.75 12.79
CA VAL B 91 -20.28 -20.80 12.61
C VAL B 91 -19.74 -21.91 13.49
N THR B 92 -19.13 -22.92 12.85
CA THR B 92 -18.54 -24.05 13.55
C THR B 92 -17.01 -23.92 13.54
N VAL B 93 -16.43 -23.77 14.73
CA VAL B 93 -15.00 -23.57 14.90
C VAL B 93 -14.48 -24.70 15.76
N GLY B 94 -13.77 -25.64 15.13
CA GLY B 94 -13.25 -26.81 15.81
C GLY B 94 -14.33 -27.84 16.00
N ASN B 95 -14.89 -27.90 17.20
CA ASN B 95 -16.04 -28.75 17.51
C ASN B 95 -17.16 -28.00 18.26
N LEU B 96 -17.07 -26.68 18.28
CA LEU B 96 -18.07 -25.83 18.91
C LEU B 96 -18.85 -25.09 17.83
N SER B 97 -19.95 -24.48 18.23
CA SER B 97 -20.91 -23.88 17.29
C SER B 97 -21.62 -22.72 17.93
N LEU B 98 -22.06 -21.77 17.10
CA LEU B 98 -22.95 -20.71 17.59
C LEU B 98 -23.53 -19.91 16.43
N PRO B 99 -24.81 -19.53 16.53
CA PRO B 99 -25.36 -18.50 15.66
C PRO B 99 -24.49 -17.24 15.74
N TYR B 100 -23.95 -16.80 14.60
CA TYR B 100 -23.04 -15.67 14.58
C TYR B 100 -23.31 -14.75 13.39
N LYS B 101 -23.29 -13.45 13.66
CA LYS B 101 -23.39 -12.43 12.64
C LYS B 101 -22.03 -12.31 11.92
N PHE B 102 -22.06 -12.26 10.59
CA PHE B 102 -20.85 -12.23 9.78
C PHE B 102 -21.07 -11.56 8.42
N ILE B 103 -20.00 -11.32 7.68
CA ILE B 103 -20.08 -10.62 6.40
C ILE B 103 -19.99 -11.60 5.23
N GLU B 104 -20.99 -11.54 4.36
CA GLU B 104 -20.97 -12.20 3.07
C GLU B 104 -20.36 -11.19 2.09
N VAL B 105 -19.23 -11.55 1.47
CA VAL B 105 -18.45 -10.61 0.66
C VAL B 105 -18.73 -10.81 -0.83
N ILE B 106 -18.99 -9.72 -1.55
CA ILE B 106 -19.20 -9.74 -3.01
C ILE B 106 -18.22 -8.88 -3.83
N ASP B 107 -17.32 -8.15 -3.17
CA ASP B 107 -16.28 -7.38 -3.84
C ASP B 107 -14.93 -7.52 -3.14
N THR B 108 -13.95 -8.08 -3.85
CA THR B 108 -12.63 -8.39 -3.27
C THR B 108 -11.45 -7.64 -3.89
N ASN B 109 -11.69 -6.84 -4.94
CA ASN B 109 -10.60 -6.19 -5.67
C ASN B 109 -9.76 -5.21 -4.84
N GLY B 110 -10.37 -4.61 -3.82
CA GLY B 110 -9.65 -3.78 -2.87
C GLY B 110 -8.61 -4.51 -2.03
N PHE B 111 -8.60 -5.84 -2.09
CA PHE B 111 -7.63 -6.67 -1.38
C PHE B 111 -6.76 -7.48 -2.34
N GLU B 112 -6.64 -7.03 -3.57
CA GLU B 112 -5.79 -7.69 -4.56
C GLU B 112 -4.53 -6.85 -4.75
N PRO B 113 -3.42 -7.43 -5.17
CA PRO B 113 -3.31 -8.82 -5.63
C PRO B 113 -3.09 -9.89 -4.54
N THR B 114 -3.13 -9.50 -3.27
CA THR B 114 -2.79 -10.45 -2.22
C THR B 114 -3.78 -11.62 -2.17
N TYR B 115 -5.06 -11.32 -2.28
CA TYR B 115 -6.14 -12.28 -2.07
C TYR B 115 -6.05 -13.50 -3.00
N THR B 116 -5.95 -13.23 -4.29
CA THR B 116 -5.84 -14.26 -5.31
C THR B 116 -4.56 -15.07 -5.16
N ALA B 117 -3.47 -14.40 -4.79
CA ALA B 117 -2.16 -15.05 -4.69
C ALA B 117 -1.99 -15.92 -3.44
N SER B 118 -2.88 -15.76 -2.47
CA SER B 118 -2.89 -16.56 -1.25
C SER B 118 -3.98 -17.64 -1.30
N THR B 119 -3.99 -18.52 -0.31
CA THR B 119 -4.92 -19.65 -0.25
C THR B 119 -6.09 -19.47 0.73
N PHE B 120 -6.16 -18.32 1.43
CA PHE B 120 -7.30 -18.10 2.32
C PHE B 120 -8.53 -17.62 1.56
N ASP B 121 -9.70 -17.93 2.12
CA ASP B 121 -10.99 -17.51 1.57
C ASP B 121 -11.49 -16.28 2.28
N GLY B 122 -11.38 -16.28 3.60
CA GLY B 122 -11.87 -15.19 4.39
C GLY B 122 -10.99 -14.89 5.59
N ILE B 123 -11.50 -14.02 6.45
CA ILE B 123 -10.80 -13.61 7.64
C ILE B 123 -11.71 -13.76 8.85
N LEU B 124 -11.24 -14.50 9.84
CA LEU B 124 -11.94 -14.64 11.12
C LEU B 124 -11.24 -13.78 12.17
N GLY B 125 -11.89 -12.69 12.57
CA GLY B 125 -11.34 -11.76 13.53
C GLY B 125 -11.48 -12.29 14.94
N LEU B 126 -10.51 -11.98 15.81
CA LEU B 126 -10.51 -12.43 17.20
C LEU B 126 -10.21 -11.27 18.14
N GLY B 127 -10.62 -10.07 17.76
CA GLY B 127 -10.36 -8.87 18.54
C GLY B 127 -11.47 -8.58 19.51
N TRP B 128 -11.55 -7.33 19.96
CA TRP B 128 -12.59 -6.92 20.91
C TRP B 128 -13.80 -6.33 20.19
N LYS B 129 -14.92 -6.26 20.90
CA LYS B 129 -16.17 -5.72 20.35
C LYS B 129 -16.02 -4.33 19.73
N ASP B 130 -15.28 -3.44 20.38
CA ASP B 130 -15.18 -2.04 19.95
C ASP B 130 -14.37 -1.83 18.67
N LEU B 131 -13.62 -2.86 18.28
CA LEU B 131 -12.84 -2.85 17.04
C LEU B 131 -13.71 -3.27 15.87
N SER B 132 -14.80 -3.97 16.17
CA SER B 132 -15.68 -4.51 15.14
C SER B 132 -16.55 -3.46 14.46
N ILE B 133 -17.15 -3.90 13.36
CA ILE B 133 -18.16 -3.15 12.63
C ILE B 133 -19.45 -3.97 12.76
N GLY B 134 -20.52 -3.31 13.21
CA GLY B 134 -21.77 -3.99 13.54
C GLY B 134 -21.83 -4.42 15.00
N SER B 135 -20.96 -3.82 15.83
CA SER B 135 -20.80 -4.20 17.25
C SER B 135 -21.14 -5.68 17.53
N VAL B 136 -20.33 -6.57 16.97
CA VAL B 136 -20.48 -8.00 17.16
C VAL B 136 -19.60 -8.40 18.34
N ASP B 137 -20.19 -9.14 19.28
CA ASP B 137 -19.45 -9.67 20.42
C ASP B 137 -18.57 -10.79 19.87
N PRO B 138 -17.31 -10.85 20.30
CA PRO B 138 -16.40 -11.90 19.86
C PRO B 138 -16.90 -13.34 20.06
N ILE B 139 -16.54 -14.22 19.14
CA ILE B 139 -16.92 -15.64 19.21
C ILE B 139 -16.65 -16.21 20.60
N VAL B 140 -15.46 -15.96 21.12
CA VAL B 140 -14.99 -16.58 22.34
C VAL B 140 -15.68 -16.02 23.58
N VAL B 141 -16.03 -14.74 23.55
CA VAL B 141 -16.82 -14.14 24.62
C VAL B 141 -18.21 -14.79 24.70
N GLU B 142 -18.86 -14.91 23.54
CA GLU B 142 -20.19 -15.49 23.44
C GLU B 142 -20.17 -16.99 23.74
N LEU B 143 -19.08 -17.66 23.39
CA LEU B 143 -18.95 -19.09 23.64
C LEU B 143 -18.86 -19.35 25.15
N LYS B 144 -18.31 -18.39 25.90
CA LYS B 144 -18.22 -18.49 27.35
C LYS B 144 -19.55 -18.18 28.04
N ASN B 145 -20.26 -17.16 27.56
CA ASN B 145 -21.60 -16.84 28.04
C ASN B 145 -22.56 -18.02 27.88
N GLN B 146 -22.33 -18.84 26.86
CA GLN B 146 -23.14 -20.03 26.59
C GLN B 146 -22.53 -21.28 27.24
N ASN B 147 -21.69 -21.07 28.25
CA ASN B 147 -20.97 -22.12 28.97
C ASN B 147 -20.50 -23.32 28.14
N LYS B 148 -20.06 -23.06 26.91
CA LYS B 148 -19.44 -24.08 26.06
C LYS B 148 -17.94 -24.21 26.31
N ILE B 149 -17.37 -23.26 27.07
CA ILE B 149 -15.94 -23.27 27.38
C ILE B 149 -15.64 -22.80 28.81
N GLU B 150 -14.51 -23.24 29.36
CA GLU B 150 -14.11 -22.89 30.73
C GLU B 150 -13.78 -21.42 30.90
N ASN B 151 -13.05 -20.86 29.94
CA ASN B 151 -12.55 -19.50 30.06
C ASN B 151 -12.74 -18.72 28.76
N ALA B 152 -13.11 -17.44 28.88
CA ALA B 152 -13.12 -16.51 27.75
C ALA B 152 -11.68 -16.10 27.42
N LEU B 153 -10.98 -17.01 26.77
CA LEU B 153 -9.59 -16.82 26.40
C LEU B 153 -9.30 -17.78 25.27
N PHE B 154 -8.37 -17.39 24.39
CA PHE B 154 -7.86 -18.31 23.40
C PHE B 154 -6.34 -18.19 23.34
N THR B 155 -5.74 -19.12 22.63
CA THR B 155 -4.33 -19.32 22.69
C THR B 155 -3.78 -19.61 21.28
N PHE B 156 -2.59 -19.11 20.97
CA PHE B 156 -1.97 -19.37 19.68
C PHE B 156 -0.61 -20.05 19.83
N TYR B 157 -0.52 -21.27 19.31
CA TYR B 157 0.74 -21.96 19.09
C TYR B 157 0.87 -22.03 17.57
N LEU B 158 1.69 -21.17 16.99
CA LEU B 158 1.81 -21.08 15.54
C LEU B 158 2.68 -22.21 15.00
N PRO B 159 2.36 -22.69 13.80
CA PRO B 159 3.20 -23.70 13.13
C PRO B 159 4.51 -23.08 12.67
N VAL B 160 5.57 -23.88 12.68
CA VAL B 160 6.87 -23.50 12.12
C VAL B 160 7.21 -24.50 11.02
N HIS B 161 7.81 -24.01 9.93
CA HIS B 161 7.76 -24.73 8.65
C HIS B 161 8.25 -26.17 8.63
N ASP B 162 9.53 -26.46 8.66
CA ASP B 162 9.90 -27.90 8.57
C ASP B 162 9.89 -28.60 9.95
N LYS B 163 9.07 -28.12 10.90
CA LYS B 163 9.17 -28.55 12.31
C LYS B 163 7.85 -29.08 12.90
N HIS B 164 6.79 -28.28 12.91
CA HIS B 164 5.51 -28.72 13.46
C HIS B 164 4.26 -27.96 12.96
N THR B 165 3.07 -28.50 13.22
CA THR B 165 1.85 -27.71 13.00
C THR B 165 1.57 -26.89 14.24
N GLY B 166 0.48 -26.13 14.18
CA GLY B 166 0.10 -25.29 15.28
C GLY B 166 -1.34 -25.51 15.65
N PHE B 167 -1.79 -24.73 16.60
CA PHE B 167 -3.13 -24.83 17.12
C PHE B 167 -3.61 -23.49 17.62
N LEU B 168 -4.87 -23.20 17.35
CA LEU B 168 -5.63 -22.22 18.08
C LEU B 168 -6.47 -23.01 19.09
N THR B 169 -6.18 -22.82 20.38
CA THR B 169 -6.94 -23.44 21.46
C THR B 169 -7.89 -22.41 22.04
N ILE B 170 -9.19 -22.71 22.03
CA ILE B 170 -10.21 -21.90 22.67
C ILE B 170 -10.63 -22.52 24.00
N GLY B 171 -10.61 -21.74 25.07
CA GLY B 171 -11.19 -22.14 26.35
C GLY B 171 -10.25 -22.34 27.52
N GLY B 172 -8.98 -22.65 27.24
CA GLY B 172 -7.99 -22.83 28.29
C GLY B 172 -6.55 -22.88 27.81
N ILE B 173 -5.63 -22.71 28.76
CA ILE B 173 -4.20 -22.78 28.51
C ILE B 173 -3.73 -24.23 28.66
N GLU B 174 -2.92 -24.71 27.73
CA GLU B 174 -2.40 -26.06 27.78
C GLU B 174 -0.89 -26.04 27.82
N GLU B 175 -0.34 -26.67 28.85
CA GLU B 175 1.10 -26.66 29.15
C GLU B 175 2.01 -27.12 28.00
N ARG B 176 1.48 -27.97 27.12
CA ARG B 176 2.27 -28.62 26.06
C ARG B 176 2.84 -27.64 25.01
N PHE B 177 2.23 -26.47 24.89
CA PHE B 177 2.64 -25.47 23.89
C PHE B 177 3.83 -24.59 24.26
N TYR B 178 4.17 -24.49 25.54
CA TYR B 178 5.26 -23.59 25.94
C TYR B 178 6.18 -24.19 26.97
N GLU B 179 7.35 -23.60 27.10
CA GLU B 179 8.25 -23.85 28.21
C GLU B 179 8.56 -22.56 28.94
N GLY B 180 8.94 -22.70 30.21
CA GLY B 180 9.21 -21.56 31.06
C GLY B 180 7.92 -20.94 31.56
N PRO B 181 8.05 -19.81 32.23
CA PRO B 181 6.89 -19.14 32.80
C PRO B 181 6.10 -18.37 31.75
N LEU B 182 4.79 -18.31 31.96
CA LEU B 182 3.92 -17.35 31.30
C LEU B 182 4.04 -16.02 32.03
N THR B 183 4.01 -14.93 31.26
CA THR B 183 4.11 -13.58 31.78
C THR B 183 2.94 -12.81 31.24
N TYR B 184 2.14 -12.21 32.11
CA TYR B 184 0.99 -11.44 31.66
C TYR B 184 1.26 -9.95 31.57
N GLU B 185 0.71 -9.35 30.51
CA GLU B 185 0.78 -7.93 30.26
C GLU B 185 -0.64 -7.39 30.09
N LYS B 186 -0.99 -6.35 30.83
CA LYS B 186 -2.32 -5.75 30.78
C LYS B 186 -2.56 -5.03 29.45
N LEU B 187 -3.77 -5.11 28.94
CA LEU B 187 -4.16 -4.31 27.79
C LEU B 187 -4.26 -2.84 28.19
N ASN B 188 -3.73 -1.94 27.37
CA ASN B 188 -3.96 -0.51 27.57
C ASN B 188 -5.32 -0.05 27.02
N HIS B 189 -5.92 -0.82 26.11
CA HIS B 189 -7.31 -0.59 25.66
C HIS B 189 -8.01 -1.92 25.32
N ASP B 190 -9.34 -1.94 25.36
CA ASP B 190 -10.11 -3.08 24.87
C ASP B 190 -10.48 -2.81 23.42
N LEU B 191 -9.49 -2.94 22.54
CA LEU B 191 -9.66 -2.65 21.13
C LEU B 191 -8.91 -3.70 20.32
N TYR B 192 -7.62 -3.46 20.08
CA TYR B 192 -6.72 -4.49 19.61
C TYR B 192 -6.24 -5.19 20.86
N TRP B 193 -5.56 -6.31 20.69
CA TRP B 193 -4.81 -6.90 21.78
C TRP B 193 -3.51 -6.11 21.91
N GLN B 194 -3.64 -4.94 22.55
CA GLN B 194 -2.55 -3.98 22.62
C GLN B 194 -2.10 -3.77 24.06
N ILE B 195 -0.78 -3.85 24.25
CA ILE B 195 -0.13 -3.76 25.56
C ILE B 195 1.00 -2.74 25.49
N THR B 196 1.55 -2.36 26.63
CA THR B 196 2.58 -1.33 26.67
C THR B 196 3.92 -1.93 27.02
N LEU B 197 4.87 -1.77 26.12
CA LEU B 197 6.22 -2.26 26.31
C LEU B 197 7.21 -1.17 25.88
N ASP B 198 8.37 -1.14 26.52
CA ASP B 198 9.53 -0.38 26.03
C ASP B 198 10.17 -1.16 24.90
N ALA B 199 10.32 -0.51 23.75
CA ALA B 199 10.86 -1.13 22.56
C ALA B 199 12.22 -0.55 22.31
N HIS B 200 13.25 -1.37 22.26
CA HIS B 200 14.57 -0.86 21.91
C HIS B 200 15.37 -1.83 21.06
N VAL B 201 16.20 -1.25 20.20
CA VAL B 201 17.04 -2.00 19.28
C VAL B 201 18.52 -1.59 19.44
N GLY B 202 18.90 -1.13 20.63
CA GLY B 202 20.31 -1.01 20.98
C GLY B 202 20.75 0.37 21.47
N ASN B 203 19.88 1.36 21.25
CA ASN B 203 20.11 2.78 21.52
C ASN B 203 18.93 3.56 20.95
N ILE B 204 18.33 3.02 19.89
CA ILE B 204 17.02 3.46 19.47
C ILE B 204 16.04 2.89 20.48
N MET B 205 15.46 3.77 21.31
CA MET B 205 14.55 3.37 22.37
C MET B 205 13.28 4.18 22.22
N LEU B 206 12.15 3.50 22.27
CA LEU B 206 10.86 4.13 22.28
C LEU B 206 10.16 3.54 23.47
N GLU B 207 10.20 4.22 24.60
CA GLU B 207 9.62 3.66 25.80
C GLU B 207 8.12 3.88 25.79
N LYS B 208 7.43 3.01 26.53
CA LYS B 208 5.97 2.96 26.60
C LYS B 208 5.30 2.91 25.24
N ALA B 209 5.91 2.18 24.31
CA ALA B 209 5.32 1.97 23.00
C ALA B 209 4.04 1.14 23.09
N ASN B 210 3.06 1.52 22.30
CA ASN B 210 1.85 0.75 22.14
C ASN B 210 2.17 -0.44 21.24
N CYS B 211 1.96 -1.67 21.72
CA CYS B 211 2.32 -2.86 20.94
C CYS B 211 1.09 -3.71 20.65
N ILE B 212 0.75 -3.86 19.37
CA ILE B 212 -0.36 -4.72 18.96
C ILE B 212 0.14 -6.12 18.63
N VAL B 213 -0.45 -7.12 19.27
CA VAL B 213 -0.11 -8.51 18.99
C VAL B 213 -1.14 -8.98 17.97
N ASP B 214 -0.71 -9.13 16.71
CA ASP B 214 -1.61 -9.32 15.58
C ASP B 214 -1.27 -10.58 14.76
N SER B 215 -2.11 -11.60 14.83
CA SER B 215 -1.84 -12.87 14.15
C SER B 215 -1.97 -12.80 12.63
N GLY B 216 -2.68 -11.80 12.13
CA GLY B 216 -2.82 -11.60 10.69
C GLY B 216 -1.90 -10.55 10.10
N THR B 217 -0.79 -10.24 10.76
CA THR B 217 0.25 -9.38 10.21
C THR B 217 1.51 -10.24 9.97
N SER B 218 2.02 -10.24 8.75
CA SER B 218 3.17 -11.08 8.41
C SER B 218 4.52 -10.44 8.76
N ALA B 219 4.51 -9.18 9.19
CA ALA B 219 5.73 -8.46 9.48
C ALA B 219 5.85 -8.09 10.95
N ILE B 220 7.01 -7.57 11.32
CA ILE B 220 7.10 -6.67 12.45
C ILE B 220 6.95 -5.29 11.89
N THR B 221 6.02 -4.55 12.46
CA THR B 221 5.69 -3.22 12.03
C THR B 221 6.13 -2.25 13.11
N VAL B 222 6.52 -1.06 12.69
CA VAL B 222 7.39 -0.21 13.48
C VAL B 222 7.14 1.24 13.06
N PRO B 223 7.30 2.21 13.97
CA PRO B 223 7.18 3.61 13.56
C PRO B 223 8.21 3.90 12.47
N THR B 224 7.77 4.62 11.46
CA THR B 224 8.62 5.09 10.37
C THR B 224 9.95 5.72 10.82
N ASP B 225 9.89 6.64 11.80
CA ASP B 225 11.09 7.27 12.35
C ASP B 225 12.02 6.24 12.99
N PHE B 226 11.44 5.26 13.68
CA PHE B 226 12.18 4.17 14.32
C PHE B 226 12.89 3.30 13.27
N LEU B 227 12.17 2.95 12.20
CA LEU B 227 12.79 2.23 11.10
C LEU B 227 13.97 3.01 10.54
N ASN B 228 13.82 4.32 10.34
CA ASN B 228 14.90 5.14 9.78
C ASN B 228 16.17 5.09 10.63
N LYS B 229 16.02 5.14 11.96
CA LYS B 229 17.19 5.07 12.85
C LYS B 229 17.88 3.70 12.78
N MET B 230 17.13 2.61 12.84
CA MET B 230 17.68 1.25 12.67
C MET B 230 18.47 1.12 11.35
N LEU B 231 17.92 1.67 10.27
CA LEU B 231 18.56 1.60 8.96
C LEU B 231 19.91 2.35 8.94
N GLN B 232 20.02 3.42 9.75
CA GLN B 232 21.25 4.20 9.86
C GLN B 232 22.49 3.34 10.16
N ASN B 233 22.36 2.33 11.01
CA ASN B 233 23.50 1.46 11.26
C ASN B 233 23.38 0.08 10.61
N LEU B 234 22.76 0.08 9.44
CA LEU B 234 22.76 -1.05 8.54
C LEU B 234 23.18 -0.60 7.14
N ASP B 235 23.50 -1.59 6.31
CA ASP B 235 23.92 -1.32 4.93
C ASP B 235 23.24 -2.34 4.04
N VAL B 236 21.94 -2.21 3.91
CA VAL B 236 21.13 -3.20 3.21
C VAL B 236 20.58 -2.58 1.95
N ILE B 237 19.92 -3.39 1.13
CA ILE B 237 19.56 -2.96 -0.21
C ILE B 237 18.10 -2.54 -0.31
N LYS B 238 17.90 -1.26 -0.61
CA LYS B 238 16.57 -0.70 -0.77
C LYS B 238 15.99 -1.19 -2.09
N VAL B 239 14.82 -1.82 -2.05
CA VAL B 239 14.16 -2.19 -3.30
C VAL B 239 13.66 -0.89 -3.93
N PRO B 240 14.03 -0.62 -5.17
CA PRO B 240 13.60 0.63 -5.83
C PRO B 240 12.07 0.80 -5.81
N PHE B 241 11.61 2.02 -5.54
CA PHE B 241 10.16 2.33 -5.48
C PHE B 241 9.41 1.86 -4.21
N LEU B 242 9.84 0.75 -3.61
CA LEU B 242 9.09 0.13 -2.52
C LEU B 242 9.81 0.29 -1.18
N PRO B 243 9.06 0.27 -0.08
CA PRO B 243 9.66 0.42 1.25
C PRO B 243 10.15 -0.92 1.86
N PHE B 244 10.81 -1.73 1.04
CA PHE B 244 11.30 -3.04 1.43
C PHE B 244 12.81 -3.10 1.27
N TYR B 245 13.47 -3.97 2.04
CA TYR B 245 14.93 -4.07 2.01
C TYR B 245 15.39 -5.53 1.91
N VAL B 246 16.52 -5.75 1.25
CA VAL B 246 17.08 -7.09 1.05
C VAL B 246 18.41 -7.20 1.81
N THR B 247 18.57 -8.26 2.60
CA THR B 247 19.82 -8.60 3.29
C THR B 247 20.21 -10.01 2.97
N LEU B 248 21.46 -10.34 3.28
CA LEU B 248 21.84 -11.72 3.53
C LEU B 248 21.21 -12.07 4.88
N CYS B 249 20.73 -13.30 5.02
CA CYS B 249 20.05 -13.72 6.25
C CYS B 249 21.03 -13.84 7.41
N ASN B 250 22.31 -14.10 7.11
CA ASN B 250 23.36 -14.20 8.12
C ASN B 250 24.11 -12.89 8.44
N ASN B 251 23.65 -11.76 7.91
CA ASN B 251 24.15 -10.43 8.28
C ASN B 251 24.16 -10.31 9.81
N SER B 252 25.37 -10.29 10.37
CA SER B 252 25.57 -10.30 11.83
C SER B 252 25.11 -9.01 12.49
N LYS B 253 25.07 -7.93 11.72
CA LYS B 253 24.70 -6.62 12.23
C LYS B 253 23.20 -6.39 12.28
N LEU B 254 22.39 -7.39 11.97
CA LEU B 254 20.95 -7.22 11.99
C LEU B 254 20.44 -7.09 13.42
N PRO B 255 19.45 -6.24 13.61
CA PRO B 255 18.99 -5.89 14.95
C PRO B 255 18.14 -6.98 15.61
N THR B 256 18.36 -7.17 16.91
CA THR B 256 17.49 -7.96 17.75
C THR B 256 16.54 -6.99 18.47
N PHE B 257 15.26 -7.13 18.22
CA PHE B 257 14.26 -6.38 18.97
C PHE B 257 14.26 -6.81 20.43
N GLU B 258 14.13 -5.83 21.31
CA GLU B 258 13.96 -6.06 22.74
C GLU B 258 12.73 -5.32 23.21
N PHE B 259 11.89 -6.00 23.99
CA PHE B 259 10.66 -5.44 24.48
C PHE B 259 10.58 -5.75 25.95
N THR B 260 10.70 -4.74 26.80
CA THR B 260 10.68 -4.98 28.24
C THR B 260 9.50 -4.30 28.92
N SER B 261 9.09 -4.89 30.04
CA SER B 261 8.10 -4.32 30.94
C SER B 261 8.57 -4.58 32.37
N GLU B 262 7.74 -4.28 33.35
CA GLU B 262 8.05 -4.68 34.73
C GLU B 262 8.06 -6.20 34.85
N ASN B 263 7.14 -6.84 34.13
CA ASN B 263 6.88 -8.27 34.25
C ASN B 263 7.86 -9.17 33.52
N GLY B 264 8.40 -8.73 32.40
CA GLY B 264 9.30 -9.57 31.63
C GLY B 264 10.10 -8.91 30.52
N LYS B 265 10.97 -9.69 29.89
CA LYS B 265 11.78 -9.26 28.75
C LYS B 265 11.58 -10.22 27.56
N TYR B 266 11.26 -9.66 26.40
CA TYR B 266 11.02 -10.43 25.18
C TYR B 266 11.98 -9.96 24.10
N THR B 267 12.67 -10.88 23.43
CA THR B 267 13.48 -10.50 22.29
C THR B 267 12.99 -11.19 21.03
N LEU B 268 13.36 -10.62 19.89
CA LEU B 268 13.06 -11.22 18.60
C LEU B 268 14.24 -11.03 17.64
N GLU B 269 14.91 -12.14 17.33
CA GLU B 269 16.16 -12.13 16.59
C GLU B 269 15.83 -12.18 15.10
N PRO B 270 16.77 -11.79 14.24
CA PRO B 270 16.61 -11.89 12.78
C PRO B 270 16.08 -13.24 12.27
N GLU B 271 16.46 -14.35 12.90
CA GLU B 271 16.02 -15.66 12.44
C GLU B 271 14.50 -15.82 12.51
N TYR B 272 13.83 -15.04 13.34
CA TYR B 272 12.37 -15.11 13.44
C TYR B 272 11.66 -14.14 12.49
N TYR B 273 12.17 -12.92 12.33
CA TYR B 273 11.40 -11.93 11.56
C TYR B 273 11.73 -11.82 10.07
N LEU B 274 12.93 -12.22 9.68
CA LEU B 274 13.34 -12.15 8.27
C LEU B 274 12.45 -13.02 7.40
N GLN B 275 12.22 -12.59 6.17
CA GLN B 275 11.52 -13.41 5.20
C GLN B 275 12.51 -13.94 4.18
N HIS B 276 12.70 -15.25 4.15
CA HIS B 276 13.64 -15.87 3.23
C HIS B 276 13.07 -15.79 1.81
N ILE B 277 13.93 -15.41 0.87
CA ILE B 277 13.64 -15.43 -0.55
C ILE B 277 14.73 -16.23 -1.25
N GLU B 278 14.83 -17.49 -0.84
CA GLU B 278 15.81 -18.42 -1.40
C GLU B 278 15.66 -18.58 -2.92
N ASP B 279 14.43 -18.55 -3.41
CA ASP B 279 14.16 -18.66 -4.85
C ASP B 279 14.53 -17.42 -5.68
N VAL B 280 14.95 -16.33 -5.04
CA VAL B 280 15.54 -15.19 -5.73
C VAL B 280 17.07 -15.26 -5.70
N GLY B 281 17.61 -15.80 -4.61
CA GLY B 281 19.04 -15.91 -4.42
C GLY B 281 19.38 -16.65 -3.13
N PRO B 282 20.50 -17.39 -3.12
CA PRO B 282 20.90 -18.16 -1.93
C PRO B 282 21.26 -17.27 -0.75
N GLY B 283 20.74 -17.61 0.43
CA GLY B 283 20.97 -16.86 1.63
C GLY B 283 20.28 -15.50 1.68
N LEU B 284 19.42 -15.20 0.70
CA LEU B 284 18.83 -13.86 0.59
C LEU B 284 17.55 -13.76 1.42
N CYS B 285 17.20 -12.55 1.83
CA CYS B 285 16.07 -12.31 2.73
C CYS B 285 15.46 -10.94 2.50
N MET B 286 14.16 -10.80 2.80
CA MET B 286 13.55 -9.50 3.00
C MET B 286 13.66 -9.14 4.48
N LEU B 287 14.03 -7.89 4.75
CA LEU B 287 14.10 -7.38 6.13
C LEU B 287 12.84 -7.71 6.88
N ASN B 288 11.69 -7.43 6.28
CA ASN B 288 10.40 -7.71 6.87
C ASN B 288 10.10 -6.92 8.14
N ILE B 289 10.82 -5.82 8.33
CA ILE B 289 10.48 -4.78 9.29
C ILE B 289 9.93 -3.60 8.49
N ILE B 290 8.72 -3.21 8.81
CA ILE B 290 7.91 -2.35 7.95
C ILE B 290 7.53 -1.06 8.67
N GLY B 291 7.91 0.08 8.11
CA GLY B 291 7.50 1.36 8.64
C GLY B 291 6.01 1.57 8.48
N LEU B 292 5.35 1.90 9.59
CA LEU B 292 3.91 2.13 9.60
C LEU B 292 3.56 3.05 10.76
N ASP B 293 3.09 4.26 10.45
CA ASP B 293 2.75 5.27 11.44
C ASP B 293 1.27 5.24 11.82
N PHE B 294 1.03 5.17 13.13
CA PHE B 294 -0.29 5.25 13.74
C PHE B 294 -0.37 6.60 14.44
N PRO B 295 -1.58 7.04 14.82
CA PRO B 295 -1.74 8.29 15.60
C PRO B 295 -0.92 8.26 16.87
N VAL B 296 -0.90 7.09 17.51
CA VAL B 296 -0.01 6.80 18.63
C VAL B 296 1.18 5.95 18.14
N PRO B 297 2.41 6.27 18.54
CA PRO B 297 3.56 5.43 18.21
C PRO B 297 3.32 3.95 18.56
N THR B 298 3.39 3.09 17.55
CA THR B 298 2.89 1.72 17.66
C THR B 298 3.79 0.70 16.96
N PHE B 299 3.82 -0.48 17.55
CA PHE B 299 4.48 -1.65 16.99
C PHE B 299 3.40 -2.68 16.73
N ILE B 300 3.48 -3.37 15.62
CA ILE B 300 2.68 -4.58 15.43
C ILE B 300 3.63 -5.73 15.52
N LEU B 301 3.47 -6.51 16.59
CA LEU B 301 4.16 -7.77 16.74
C LEU B 301 3.29 -8.80 16.06
N GLY B 302 3.62 -9.11 14.80
CA GLY B 302 2.84 -10.06 14.00
C GLY B 302 3.34 -11.48 14.15
N ASP B 303 3.13 -12.29 13.12
CA ASP B 303 3.54 -13.70 13.14
C ASP B 303 4.97 -13.98 13.56
N PRO B 304 5.94 -13.19 13.11
CA PRO B 304 7.34 -13.42 13.53
C PRO B 304 7.48 -13.50 15.06
N PHE B 305 6.79 -12.62 15.76
CA PHE B 305 6.78 -12.61 17.22
C PHE B 305 6.08 -13.83 17.79
N MET B 306 4.92 -14.17 17.22
CA MET B 306 4.09 -15.26 17.71
C MET B 306 4.60 -16.66 17.32
N ARG B 307 5.54 -16.75 16.38
CA ARG B 307 6.18 -18.03 16.07
C ARG B 307 7.19 -18.36 17.16
N LYS B 308 7.78 -17.34 17.74
CA LYS B 308 8.71 -17.54 18.85
C LYS B 308 7.97 -17.71 20.16
N TYR B 309 6.94 -16.89 20.38
CA TYR B 309 6.23 -16.82 21.66
C TYR B 309 4.82 -17.34 21.54
N PHE B 310 4.54 -18.41 22.26
CA PHE B 310 3.19 -18.81 22.58
C PHE B 310 2.49 -17.62 23.21
N THR B 311 1.28 -17.32 22.78
CA THR B 311 0.54 -16.20 23.32
C THR B 311 -0.83 -16.63 23.79
N VAL B 312 -1.31 -15.95 24.83
CA VAL B 312 -2.58 -16.24 25.50
C VAL B 312 -3.41 -14.97 25.44
N PHE B 313 -4.63 -15.06 24.94
CA PHE B 313 -5.49 -13.89 24.82
C PHE B 313 -6.65 -14.06 25.77
N ASP B 314 -6.65 -13.26 26.84
CA ASP B 314 -7.55 -13.41 27.97
C ASP B 314 -8.54 -12.26 28.02
N TYR B 315 -9.78 -12.51 27.62
CA TYR B 315 -10.84 -11.50 27.70
C TYR B 315 -11.22 -11.20 29.16
N ASP B 316 -11.35 -12.24 29.99
CA ASP B 316 -11.80 -12.06 31.39
C ASP B 316 -10.86 -11.13 32.16
N ASN B 317 -9.56 -11.32 32.00
CA ASN B 317 -8.55 -10.60 32.75
C ASN B 317 -7.90 -9.45 31.96
N HIS B 318 -8.44 -9.17 30.77
CA HIS B 318 -8.02 -8.05 29.94
C HIS B 318 -6.52 -7.98 29.76
N SER B 319 -5.95 -9.08 29.27
CA SER B 319 -4.50 -9.20 29.19
C SER B 319 -4.02 -10.22 28.16
N VAL B 320 -2.71 -10.24 27.98
CA VAL B 320 -2.05 -11.11 27.02
C VAL B 320 -0.96 -11.84 27.78
N GLY B 321 -0.96 -13.18 27.72
CA GLY B 321 0.10 -13.97 28.31
C GLY B 321 1.17 -14.27 27.28
N ILE B 322 2.43 -14.33 27.70
CA ILE B 322 3.51 -14.56 26.77
C ILE B 322 4.49 -15.56 27.34
N ALA B 323 4.81 -16.57 26.54
CA ALA B 323 5.79 -17.56 26.95
C ALA B 323 6.50 -18.09 25.72
N LEU B 324 7.72 -18.57 25.94
CA LEU B 324 8.50 -19.20 24.89
C LEU B 324 7.79 -20.45 24.38
N ALA B 325 7.46 -20.48 23.09
CA ALA B 325 6.84 -21.64 22.45
C ALA B 325 7.78 -22.85 22.40
N LYS B 326 7.21 -24.05 22.63
CA LYS B 326 7.97 -25.30 22.54
C LYS B 326 8.43 -25.44 21.11
N LYS B 327 9.69 -25.80 20.95
CA LYS B 327 10.31 -25.96 19.64
C LYS B 327 9.73 -27.14 18.84
N ASN B 328 9.22 -28.15 19.55
CA ASN B 328 8.46 -29.23 18.93
C ASN B 328 7.45 -29.81 19.88
N LEU B 329 6.28 -30.19 19.36
CA LEU B 329 5.29 -30.91 20.16
C LEU B 329 5.79 -32.33 20.43
#